data_6GWU
#
_entry.id   6GWU
#
_cell.length_a   69.363
_cell.length_b   90.280
_cell.length_c   167.105
_cell.angle_alpha   90.000
_cell.angle_beta   90.000
_cell.angle_gamma   90.000
#
_symmetry.space_group_name_H-M   'P 21 21 21'
#
loop_
_entity.id
_entity.type
_entity.pdbx_description
1 polymer 'Carbonic anhydrase'
2 non-polymer 'ZINC ION'
3 non-polymer BETA-MERCAPTOETHANOL
4 non-polymer DI(HYDROXYETHYL)ETHER
5 non-polymer 'TRIETHYLENE GLYCOL'
6 water water
#
_entity_poly.entity_id   1
_entity_poly.type   'polypeptide(L)'
_entity_poly.pdbx_seq_one_letter_code
;NFPFTLSSESTLQDFLNNNKFFVDSIKHNHGNQIFDLNGQGQSPHTLWIGCSDSRAGDQCLATLPGEIFVHRNIANIVNA
NDISSQGVIQFAIDVLKVKKIIVCGHTDCGGIWASLSKKKIGGVLDLWLNPVRHIRAANLKLLEEYNQDPKLKAKKLAEL
NVISSVTALKRHPSASVALKKNEIEVWGMLYDVATGYLSQVEIPQDEF
;
_entity_poly.pdbx_strand_id   A,B,C,D
#
loop_
_chem_comp.id
_chem_comp.type
_chem_comp.name
_chem_comp.formula
BME non-polymer BETA-MERCAPTOETHANOL 'C2 H6 O S'
PEG non-polymer DI(HYDROXYETHYL)ETHER 'C4 H10 O3'
PGE non-polymer 'TRIETHYLENE GLYCOL' 'C6 H14 O4'
ZN non-polymer 'ZINC ION' 'Zn 2'
#
# COMPACT_ATOMS: atom_id res chain seq x y z
N ASN A 1 37.29 8.36 9.28
CA ASN A 1 38.01 7.09 8.92
C ASN A 1 37.47 6.40 7.64
N PHE A 2 38.23 6.42 6.54
CA PHE A 2 39.52 7.14 6.42
C PHE A 2 39.66 7.93 5.12
N PRO A 3 39.29 7.24 3.96
CA PRO A 3 39.11 8.09 2.74
C PRO A 3 37.85 9.00 2.77
N PHE A 4 36.85 8.56 3.51
CA PHE A 4 35.57 9.24 3.63
C PHE A 4 35.62 10.41 4.59
N THR A 5 34.77 11.38 4.36
CA THR A 5 34.68 12.56 5.19
C THR A 5 34.28 12.38 6.61
N LEU A 6 33.35 11.42 6.88
CA LEU A 6 32.82 11.12 8.21
C LEU A 6 32.98 9.66 8.54
N SER A 7 32.86 9.36 9.81
CA SER A 7 32.97 7.95 10.25
C SER A 7 31.88 7.51 11.26
N SER A 8 31.94 6.24 11.67
CA SER A 8 31.08 5.76 12.75
C SER A 8 31.31 6.53 14.02
N GLU A 9 32.60 6.77 14.29
CA GLU A 9 33.05 7.49 15.51
C GLU A 9 32.84 9.01 15.47
N SER A 10 32.41 9.53 14.34
CA SER A 10 32.09 10.94 14.20
C SER A 10 31.07 11.45 15.18
N THR A 11 31.04 12.73 15.33
CA THR A 11 30.35 13.42 16.38
C THR A 11 29.26 14.22 15.72
N LEU A 12 28.23 14.57 16.48
CA LEU A 12 27.27 15.58 16.00
C LEU A 12 27.94 16.87 15.42
N GLN A 13 28.86 17.45 16.19
CA GLN A 13 29.61 18.62 15.74
C GLN A 13 30.39 18.38 14.43
N ASP A 14 31.00 17.21 14.33
CA ASP A 14 31.63 16.81 13.08
C ASP A 14 30.66 16.87 11.89
N PHE A 15 29.45 16.34 12.09
CA PHE A 15 28.42 16.38 11.06
C PHE A 15 28.05 17.82 10.72
N LEU A 16 27.83 18.61 11.76
CA LEU A 16 27.55 20.03 11.57
C LEU A 16 28.71 20.77 10.86
N ASN A 17 29.94 20.36 11.18
CA ASN A 17 31.15 20.85 10.49
C ASN A 17 31.14 20.55 9.01
N ASN A 18 30.73 19.32 8.64
CA ASN A 18 30.50 19.01 7.21
C ASN A 18 29.43 19.91 6.56
N ASN A 19 28.40 20.21 7.32
CA ASN A 19 27.26 20.98 6.82
C ASN A 19 27.68 22.41 6.62
N LYS A 20 28.43 22.91 7.58
CA LYS A 20 29.21 24.25 7.43
C LYS A 20 30.07 24.39 6.18
N PHE A 21 30.80 23.33 5.89
CA PHE A 21 31.51 23.28 4.65
C PHE A 21 30.59 23.31 3.41
N PHE A 22 29.51 22.53 3.46
CA PHE A 22 28.51 22.52 2.35
C PHE A 22 27.92 23.88 2.07
N VAL A 23 27.57 24.60 3.13
CA VAL A 23 27.07 25.96 3.01
C VAL A 23 28.16 26.93 2.41
N ASP A 24 29.35 26.90 3.02
CA ASP A 24 30.53 27.77 2.62
C ASP A 24 30.94 27.54 1.16
N SER A 25 31.07 26.27 0.81
CA SER A 25 31.29 25.86 -0.56
C SER A 25 30.30 26.49 -1.54
N ILE A 26 28.99 26.42 -1.25
CA ILE A 26 27.96 26.98 -2.19
C ILE A 26 27.99 28.52 -2.26
N LYS A 27 28.22 29.13 -1.11
CA LYS A 27 28.37 30.60 -1.06
C LYS A 27 29.65 31.07 -1.77
N HIS A 28 30.74 30.33 -1.59
CA HIS A 28 31.97 30.59 -2.32
C HIS A 28 31.81 30.62 -3.82
N ASN A 29 31.01 29.70 -4.34
CA ASN A 29 30.80 29.55 -5.79
C ASN A 29 29.64 30.33 -6.42
N HIS A 30 28.71 30.77 -5.61
CA HIS A 30 27.39 31.26 -6.14
C HIS A 30 26.88 32.40 -5.31
N GLY A 31 27.67 32.73 -4.30
CA GLY A 31 27.32 33.76 -3.38
C GLY A 31 26.12 33.30 -2.64
N ASN A 32 25.18 34.18 -2.52
CA ASN A 32 24.09 33.94 -1.63
C ASN A 32 22.82 33.56 -2.46
N GLN A 33 22.95 33.60 -3.77
CA GLN A 33 21.90 33.52 -4.74
C GLN A 33 21.04 32.22 -4.60
N ILE A 34 21.70 31.11 -4.33
CA ILE A 34 21.03 29.85 -4.31
C ILE A 34 20.15 29.72 -3.08
N PHE A 35 20.70 30.00 -1.93
CA PHE A 35 19.96 29.98 -0.71
C PHE A 35 18.84 30.99 -0.68
N ASP A 36 18.98 32.05 -1.46
CA ASP A 36 17.90 33.03 -1.60
C ASP A 36 16.76 32.47 -2.46
N LEU A 37 17.13 31.75 -3.51
CA LEU A 37 16.15 31.08 -4.35
C LEU A 37 15.39 29.92 -3.60
N ASN A 38 16.15 28.98 -3.08
CA ASN A 38 15.71 27.97 -2.22
C ASN A 38 14.73 28.47 -1.17
N GLY A 39 15.09 29.55 -0.51
CA GLY A 39 14.26 30.15 0.50
C GLY A 39 12.91 30.67 -0.02
N GLN A 40 12.85 31.02 -1.30
CA GLN A 40 11.61 31.49 -1.92
C GLN A 40 10.68 30.34 -2.50
N GLY A 41 11.15 29.09 -2.48
CA GLY A 41 10.43 27.95 -3.02
C GLY A 41 11.30 27.05 -3.87
N GLN A 42 10.74 25.93 -4.34
CA GLN A 42 11.45 24.98 -5.20
C GLN A 42 10.84 24.87 -6.58
N SER A 43 11.67 24.78 -7.60
CA SER A 43 11.24 24.60 -8.98
C SER A 43 12.07 23.57 -9.75
N PRO A 44 12.16 22.34 -9.22
CA PRO A 44 13.03 21.33 -9.79
C PRO A 44 12.54 20.88 -11.12
N HIS A 45 13.49 20.51 -11.97
CA HIS A 45 13.21 20.18 -13.37
C HIS A 45 13.15 18.68 -13.56
N THR A 46 13.57 17.96 -12.52
CA THR A 46 13.71 16.54 -12.61
C THR A 46 13.25 15.82 -11.35
N LEU A 47 12.63 14.64 -11.57
CA LEU A 47 12.39 13.67 -10.54
C LEU A 47 13.33 12.49 -10.70
N TRP A 48 13.98 12.10 -9.59
CA TRP A 48 14.90 10.98 -9.58
C TRP A 48 14.33 9.90 -8.62
N ILE A 49 14.17 8.68 -9.15
CA ILE A 49 13.82 7.58 -8.35
C ILE A 49 14.95 6.64 -8.46
N GLY A 50 15.52 6.25 -7.30
CA GLY A 50 16.64 5.33 -7.32
C GLY A 50 16.77 4.61 -5.99
N CYS A 51 17.78 3.74 -5.89
CA CYS A 51 17.95 2.93 -4.71
C CYS A 51 18.57 3.71 -3.58
N SER A 52 18.29 3.24 -2.40
CA SER A 52 18.75 3.86 -1.18
C SER A 52 20.29 3.78 -0.98
N ASP A 53 20.90 2.91 -1.78
CA ASP A 53 22.27 2.50 -1.65
C ASP A 53 23.11 3.72 -1.47
N SER A 54 23.99 3.69 -0.46
CA SER A 54 24.88 4.88 -0.17
C SER A 54 25.79 5.34 -1.34
N ARG A 55 26.09 4.43 -2.24
CA ARG A 55 26.98 4.74 -3.39
C ARG A 55 26.26 5.31 -4.59
N ALA A 56 24.93 5.24 -4.60
CA ALA A 56 24.19 5.39 -5.86
C ALA A 56 23.23 6.54 -5.94
N GLY A 57 23.46 7.52 -5.08
CA GLY A 57 22.58 8.66 -4.96
C GLY A 57 22.61 9.58 -6.16
N ASP A 58 21.58 10.43 -6.21
CA ASP A 58 21.44 11.48 -7.24
C ASP A 58 22.58 12.44 -7.23
N GLN A 59 23.37 12.48 -6.16
CA GLN A 59 24.65 13.34 -6.14
C GLN A 59 25.57 12.96 -7.31
N CYS A 60 25.42 11.77 -7.89
CA CYS A 60 26.18 11.40 -9.07
C CYS A 60 25.88 12.36 -10.29
N LEU A 61 24.89 13.25 -10.14
CA LEU A 61 24.56 14.17 -11.22
C LEU A 61 25.14 15.61 -10.95
N ALA A 62 25.84 15.77 -9.83
CA ALA A 62 26.46 17.01 -9.44
C ALA A 62 25.59 18.26 -9.61
N THR A 63 24.38 18.18 -9.08
CA THR A 63 23.44 19.31 -9.14
C THR A 63 23.47 20.09 -7.83
N LEU A 64 22.96 21.32 -7.90
CA LEU A 64 22.75 22.14 -6.71
C LEU A 64 21.38 21.88 -6.10
N PRO A 65 21.25 22.17 -4.80
CA PRO A 65 19.94 22.16 -4.16
C PRO A 65 18.92 22.97 -4.94
N GLY A 66 17.69 22.36 -5.15
CA GLY A 66 16.56 23.03 -5.84
C GLY A 66 16.38 22.57 -7.28
N GLU A 67 17.10 21.50 -7.65
CA GLU A 67 17.11 21.01 -9.03
C GLU A 67 16.38 19.68 -9.27
N ILE A 68 16.60 18.76 -8.33
CA ILE A 68 16.21 17.40 -8.47
C ILE A 68 15.34 16.98 -7.27
N PHE A 69 14.10 16.61 -7.59
CA PHE A 69 13.15 16.03 -6.63
C PHE A 69 13.49 14.55 -6.51
N VAL A 70 13.66 14.06 -5.26
CA VAL A 70 14.23 12.71 -5.06
C VAL A 70 13.37 11.74 -4.27
N HIS A 71 13.18 10.52 -4.79
CA HIS A 71 12.67 9.45 -3.99
C HIS A 71 13.71 8.32 -4.07
N ARG A 72 14.03 7.74 -2.90
CA ARG A 72 14.90 6.58 -2.86
C ARG A 72 14.40 5.45 -1.90
N ASN A 73 14.30 4.22 -2.41
CA ASN A 73 13.94 3.06 -1.62
C ASN A 73 14.75 1.88 -2.07
N ILE A 74 14.63 0.76 -1.39
CA ILE A 74 15.39 -0.40 -1.75
C ILE A 74 15.05 -0.97 -3.11
N ALA A 75 16.04 -0.97 -3.98
CA ALA A 75 16.04 -1.51 -5.34
C ALA A 75 15.15 -0.71 -6.27
N ASN A 76 14.93 0.55 -5.95
CA ASN A 76 14.28 1.52 -6.85
C ASN A 76 13.07 0.91 -7.51
N ILE A 77 12.21 0.32 -6.66
CA ILE A 77 10.96 -0.32 -7.11
C ILE A 77 9.84 0.70 -7.06
N VAL A 78 9.19 0.91 -8.21
CA VAL A 78 8.01 1.74 -8.35
C VAL A 78 6.83 0.81 -8.57
N ASN A 79 5.93 0.76 -7.59
CA ASN A 79 4.75 -0.13 -7.64
C ASN A 79 3.49 0.64 -7.37
N ALA A 80 2.47 0.36 -8.19
CA ALA A 80 1.22 1.16 -8.23
C ALA A 80 0.35 1.13 -6.98
N ASN A 81 0.67 0.23 -6.07
CA ASN A 81 -0.06 0.20 -4.79
C ASN A 81 0.80 0.55 -3.62
N ASP A 82 2.00 1.01 -3.92
CA ASP A 82 2.89 1.68 -2.93
C ASP A 82 2.63 3.20 -2.89
N ILE A 83 1.97 3.59 -1.80
CA ILE A 83 1.41 4.98 -1.64
C ILE A 83 2.52 5.99 -1.51
N SER A 84 3.64 5.55 -0.95
CA SER A 84 4.86 6.43 -0.92
C SER A 84 5.23 6.85 -2.33
N SER A 85 5.63 5.87 -3.16
CA SER A 85 6.07 6.19 -4.54
C SER A 85 5.06 6.99 -5.34
N GLN A 86 3.79 6.61 -5.21
CA GLN A 86 2.74 7.18 -6.09
C GLN A 86 2.39 8.60 -5.69
N GLY A 87 2.46 8.88 -4.37
CA GLY A 87 2.37 10.28 -3.88
C GLY A 87 3.53 11.14 -4.51
N VAL A 88 4.72 10.59 -4.52
CA VAL A 88 5.94 11.35 -5.01
C VAL A 88 5.71 11.70 -6.46
N ILE A 89 5.09 10.75 -7.19
CA ILE A 89 4.92 10.90 -8.66
C ILE A 89 3.81 11.84 -9.00
N GLN A 90 2.74 11.70 -8.28
CA GLN A 90 1.62 12.61 -8.42
C GLN A 90 2.10 14.02 -8.17
N PHE A 91 2.72 14.23 -7.01
CA PHE A 91 3.25 15.59 -6.64
C PHE A 91 4.22 16.22 -7.67
N ALA A 92 5.19 15.42 -8.09
CA ALA A 92 6.25 15.87 -9.04
C ALA A 92 5.68 16.35 -10.34
N ILE A 93 4.74 15.59 -10.86
CA ILE A 93 4.10 15.89 -12.16
C ILE A 93 3.04 16.94 -12.03
N ASP A 94 2.11 16.72 -11.11
CA ASP A 94 0.95 17.60 -10.95
C ASP A 94 1.37 18.99 -10.43
N VAL A 95 2.12 18.99 -9.32
CA VAL A 95 2.35 20.20 -8.55
C VAL A 95 3.69 20.89 -8.98
N LEU A 96 4.78 20.13 -8.97
CA LEU A 96 6.09 20.66 -9.33
C LEU A 96 6.27 20.74 -10.83
N LYS A 97 5.58 19.90 -11.57
CA LYS A 97 5.66 19.92 -13.04
C LYS A 97 7.09 19.69 -13.54
N VAL A 98 7.76 18.71 -12.99
CA VAL A 98 9.03 18.28 -13.53
C VAL A 98 8.91 17.95 -15.02
N LYS A 99 10.00 18.16 -15.76
CA LYS A 99 10.00 17.89 -17.19
C LYS A 99 10.70 16.57 -17.50
N LYS A 100 11.47 16.10 -16.53
CA LYS A 100 12.21 14.85 -16.69
C LYS A 100 12.02 13.95 -15.47
N ILE A 101 11.84 12.67 -15.74
CA ILE A 101 11.86 11.71 -14.70
C ILE A 101 12.87 10.64 -14.99
N ILE A 102 13.68 10.31 -13.98
CA ILE A 102 14.74 9.31 -14.16
C ILE A 102 14.57 8.22 -13.16
N VAL A 103 14.51 7.00 -13.68
CA VAL A 103 14.48 5.84 -12.82
C VAL A 103 15.80 5.19 -12.96
N CYS A 104 16.50 5.07 -11.85
CA CYS A 104 17.90 4.70 -11.90
C CYS A 104 18.23 3.58 -10.99
N GLY A 105 18.58 2.44 -11.59
CA GLY A 105 19.10 1.32 -10.84
C GLY A 105 20.60 1.41 -10.80
N HIS A 106 21.24 0.41 -10.17
CA HIS A 106 22.65 0.36 -10.09
C HIS A 106 23.23 -1.02 -9.94
N THR A 107 24.50 -1.18 -10.25
CA THR A 107 25.21 -2.44 -10.14
C THR A 107 25.56 -2.74 -8.71
N ASP A 108 25.72 -4.02 -8.39
CA ASP A 108 25.88 -4.50 -7.00
C ASP A 108 24.70 -4.20 -6.05
N CYS A 109 23.50 -3.96 -6.63
CA CYS A 109 22.31 -3.70 -5.85
C CYS A 109 21.92 -4.94 -5.04
N GLY A 110 21.90 -4.79 -3.72
CA GLY A 110 21.62 -5.87 -2.80
C GLY A 110 20.15 -6.47 -2.91
N GLY A 111 19.20 -5.63 -3.28
CA GLY A 111 17.86 -6.05 -3.57
C GLY A 111 17.80 -7.00 -4.74
N ILE A 112 18.65 -6.74 -5.73
CA ILE A 112 18.82 -7.62 -6.88
C ILE A 112 19.41 -8.98 -6.51
N TRP A 113 20.55 -8.95 -5.83
CA TRP A 113 21.22 -10.17 -5.36
C TRP A 113 20.36 -11.05 -4.50
N ALA A 114 19.65 -10.43 -3.56
CA ALA A 114 18.68 -11.13 -2.70
C ALA A 114 17.57 -11.84 -3.52
N SER A 115 17.09 -11.14 -4.53
CA SER A 115 16.10 -11.67 -5.45
C SER A 115 16.56 -12.80 -6.34
N LEU A 116 17.85 -12.87 -6.63
CA LEU A 116 18.40 -13.96 -7.45
C LEU A 116 18.52 -15.23 -6.66
N SER A 117 18.68 -15.08 -5.37
CA SER A 117 18.68 -16.22 -4.47
C SER A 117 17.26 -16.73 -4.28
N LYS A 118 17.15 -17.81 -3.52
CA LYS A 118 15.82 -18.32 -3.10
C LYS A 118 15.65 -18.18 -1.59
N LYS A 119 16.79 -18.08 -0.88
CA LYS A 119 16.81 -17.92 0.58
C LYS A 119 15.99 -16.71 1.04
N LYS A 120 15.04 -16.99 1.92
CA LYS A 120 14.24 -15.97 2.57
C LYS A 120 15.12 -15.03 3.42
N ILE A 121 14.82 -13.75 3.36
CA ILE A 121 15.51 -12.74 4.16
C ILE A 121 15.00 -12.62 5.59
N GLY A 122 13.72 -12.29 5.70
CA GLY A 122 13.08 -11.99 6.96
C GLY A 122 12.39 -10.64 6.91
N GLY A 123 11.64 -10.35 7.96
CA GLY A 123 10.93 -9.09 8.13
C GLY A 123 10.05 -8.71 6.95
N VAL A 124 10.06 -7.42 6.65
CA VAL A 124 9.33 -6.85 5.52
C VAL A 124 9.98 -7.11 4.15
N LEU A 125 11.29 -7.41 4.14
CA LEU A 125 12.07 -7.29 2.90
C LEU A 125 11.72 -8.33 1.85
N ASP A 126 11.40 -9.55 2.28
CA ASP A 126 10.91 -10.60 1.36
C ASP A 126 9.64 -10.21 0.60
N LEU A 127 8.80 -9.42 1.26
CA LEU A 127 7.59 -8.91 0.58
C LEU A 127 7.82 -7.66 -0.25
N TRP A 128 8.67 -6.74 0.28
CA TRP A 128 9.10 -5.54 -0.49
C TRP A 128 9.68 -5.95 -1.82
N LEU A 129 10.53 -6.98 -1.78
CA LEU A 129 11.31 -7.41 -2.94
C LEU A 129 10.55 -8.33 -3.88
N ASN A 130 9.33 -8.63 -3.50
CA ASN A 130 8.51 -9.55 -4.30
C ASN A 130 8.35 -9.16 -5.77
N PRO A 131 8.06 -7.88 -6.08
CA PRO A 131 8.08 -7.46 -7.51
C PRO A 131 9.32 -7.84 -8.30
N VAL A 132 10.47 -7.84 -7.62
CA VAL A 132 11.76 -8.16 -8.28
C VAL A 132 11.87 -9.66 -8.53
N ARG A 133 11.47 -10.45 -7.53
CA ARG A 133 11.41 -11.92 -7.69
C ARG A 133 10.53 -12.34 -8.86
N HIS A 134 9.47 -11.58 -9.11
CA HIS A 134 8.59 -11.86 -10.26
C HIS A 134 9.23 -11.61 -11.58
N ILE A 135 9.81 -10.44 -11.69
CA ILE A 135 10.66 -10.08 -12.89
C ILE A 135 11.71 -11.14 -13.19
N ARG A 136 12.32 -11.67 -12.15
CA ARG A 136 13.33 -12.72 -12.31
C ARG A 136 12.69 -14.01 -12.77
N ALA A 137 11.54 -14.32 -12.20
CA ALA A 137 10.73 -15.51 -12.60
C ALA A 137 10.22 -15.45 -14.04
N ALA A 138 9.71 -14.30 -14.45
CA ALA A 138 9.30 -14.05 -15.84
C ALA A 138 10.42 -13.88 -16.91
N ASN A 139 11.69 -14.00 -16.50
CA ASN A 139 12.85 -13.86 -17.41
C ASN A 139 13.89 -14.91 -17.08
N LEU A 140 13.43 -16.03 -16.53
CA LEU A 140 14.32 -17.05 -15.99
C LEU A 140 15.31 -17.56 -17.02
N LYS A 141 14.85 -17.77 -18.24
CA LYS A 141 15.70 -18.38 -19.26
C LYS A 141 16.72 -17.40 -19.77
N LEU A 142 16.25 -16.19 -20.03
CA LEU A 142 17.12 -15.05 -20.38
C LEU A 142 18.22 -14.86 -19.33
N LEU A 143 17.86 -14.95 -18.07
CA LEU A 143 18.83 -14.76 -17.01
C LEU A 143 19.81 -15.90 -16.89
N GLU A 144 19.37 -17.13 -17.06
CA GLU A 144 20.28 -18.27 -16.90
C GLU A 144 21.27 -18.38 -18.07
N GLU A 145 21.03 -17.61 -19.13
CA GLU A 145 22.03 -17.38 -20.17
C GLU A 145 23.28 -16.65 -19.63
N TYR A 146 23.20 -16.12 -18.42
CA TYR A 146 24.33 -15.42 -17.77
C TYR A 146 24.83 -16.19 -16.54
N ASN A 147 24.69 -17.51 -16.55
CA ASN A 147 25.21 -18.34 -15.48
C ASN A 147 26.75 -18.31 -15.51
N GLN A 148 27.31 -17.98 -16.67
CA GLN A 148 28.76 -17.89 -16.84
C GLN A 148 29.39 -16.86 -15.88
N ASP A 149 28.70 -15.73 -15.70
CA ASP A 149 29.13 -14.68 -14.80
C ASP A 149 27.95 -14.11 -13.99
N PRO A 150 27.78 -14.54 -12.73
CA PRO A 150 26.80 -14.02 -11.77
C PRO A 150 26.67 -12.50 -11.74
N LYS A 151 27.78 -11.80 -11.88
CA LYS A 151 27.81 -10.33 -11.87
C LYS A 151 27.01 -9.75 -13.04
N LEU A 152 27.17 -10.35 -14.21
CA LEU A 152 26.44 -9.89 -15.39
C LEU A 152 24.97 -10.31 -15.32
N LYS A 153 24.70 -11.41 -14.64
CA LYS A 153 23.30 -11.87 -14.41
C LYS A 153 22.54 -10.87 -13.55
N ALA A 154 23.17 -10.53 -12.42
CA ALA A 154 22.64 -9.52 -11.51
C ALA A 154 22.51 -8.16 -12.18
N LYS A 155 23.48 -7.80 -13.02
CA LYS A 155 23.38 -6.55 -13.75
C LYS A 155 22.17 -6.54 -14.69
N LYS A 156 21.95 -7.65 -15.37
CA LYS A 156 20.72 -7.83 -16.23
C LYS A 156 19.39 -7.73 -15.45
N LEU A 157 19.37 -8.31 -14.26
CA LEU A 157 18.15 -8.21 -13.46
C LEU A 157 17.93 -6.77 -13.02
N ALA A 158 19.02 -6.09 -12.67
CA ALA A 158 18.98 -4.65 -12.32
C ALA A 158 18.37 -3.84 -13.45
N GLU A 159 18.70 -4.19 -14.67
CA GLU A 159 18.14 -3.49 -15.84
C GLU A 159 16.68 -3.80 -16.06
N LEU A 160 16.32 -5.08 -16.00
CA LEU A 160 14.91 -5.53 -16.14
C LEU A 160 14.05 -4.81 -15.09
N ASN A 161 14.60 -4.76 -13.87
CA ASN A 161 13.97 -4.04 -12.77
C ASN A 161 13.77 -2.57 -13.02
N VAL A 162 14.74 -1.94 -13.65
CA VAL A 162 14.58 -0.55 -14.05
C VAL A 162 13.41 -0.45 -15.03
N ILE A 163 13.45 -1.30 -16.05
CA ILE A 163 12.47 -1.33 -17.12
C ILE A 163 11.04 -1.54 -16.52
N SER A 164 10.97 -2.41 -15.52
CA SER A 164 9.72 -2.67 -14.85
C SER A 164 9.24 -1.43 -14.13
N SER A 165 10.15 -0.78 -13.38
CA SER A 165 9.74 0.40 -12.61
C SER A 165 9.31 1.52 -13.50
N VAL A 166 9.96 1.65 -14.62
CA VAL A 166 9.68 2.77 -15.55
C VAL A 166 8.32 2.59 -16.13
N THR A 167 8.07 1.39 -16.59
CA THR A 167 6.77 1.00 -17.18
C THR A 167 5.59 1.24 -16.20
N ALA A 168 5.77 0.82 -14.95
CA ALA A 168 4.82 1.17 -13.90
C ALA A 168 4.65 2.68 -13.69
N LEU A 169 5.76 3.39 -13.72
CA LEU A 169 5.71 4.83 -13.56
C LEU A 169 4.84 5.44 -14.69
N LYS A 170 5.02 4.97 -15.91
CA LYS A 170 4.35 5.60 -17.04
C LYS A 170 2.83 5.34 -17.00
N ARG A 171 2.46 4.21 -16.38
CA ARG A 171 1.03 3.86 -16.19
C ARG A 171 0.35 4.69 -15.10
N HIS A 172 1.10 5.50 -14.37
CA HIS A 172 0.48 6.40 -13.40
C HIS A 172 -0.38 7.43 -14.12
N PRO A 173 -1.62 7.64 -13.62
CA PRO A 173 -2.61 8.52 -14.31
C PRO A 173 -2.05 9.92 -14.67
N SER A 174 -1.29 10.54 -13.77
CA SER A 174 -0.65 11.86 -14.03
C SER A 174 0.43 11.80 -15.14
N ALA A 175 1.24 10.76 -15.05
CA ALA A 175 2.30 10.49 -16.00
C ALA A 175 1.80 10.17 -17.40
N SER A 176 0.86 9.24 -17.49
CA SER A 176 0.29 8.79 -18.81
C SER A 176 -0.32 9.92 -19.62
N VAL A 177 -0.99 10.83 -18.92
CA VAL A 177 -1.47 12.08 -19.48
C VAL A 177 -0.33 13.04 -19.94
N ALA A 178 0.64 13.29 -19.03
CA ALA A 178 1.70 14.23 -19.31
C ALA A 178 2.47 13.73 -20.50
N LEU A 179 2.71 12.42 -20.52
CA LEU A 179 3.42 11.78 -21.61
C LEU A 179 2.75 11.94 -22.96
N LYS A 180 1.46 11.62 -23.03
CA LYS A 180 0.73 11.66 -24.30
C LYS A 180 0.63 13.12 -24.80
N LYS A 181 0.67 14.06 -23.87
CA LYS A 181 0.79 15.49 -24.21
C LYS A 181 2.24 15.91 -24.55
N ASN A 182 3.17 14.96 -24.49
CA ASN A 182 4.63 15.23 -24.67
C ASN A 182 5.11 16.41 -23.79
N GLU A 183 4.74 16.40 -22.52
CA GLU A 183 5.08 17.49 -21.59
C GLU A 183 6.13 17.03 -20.59
N ILE A 184 6.49 15.76 -20.71
CA ILE A 184 7.37 15.14 -19.75
C ILE A 184 8.26 14.14 -20.50
N GLU A 185 9.37 13.76 -19.87
CA GLU A 185 10.32 12.82 -20.49
C GLU A 185 10.90 11.86 -19.48
N VAL A 186 11.05 10.61 -19.89
CA VAL A 186 11.26 9.52 -18.94
C VAL A 186 12.41 8.65 -19.34
N TRP A 187 13.32 8.46 -18.40
CA TRP A 187 14.58 7.81 -18.70
C TRP A 187 14.85 6.69 -17.75
N GLY A 188 15.24 5.56 -18.32
CA GLY A 188 15.79 4.48 -17.51
C GLY A 188 17.30 4.69 -17.46
N MET A 189 17.92 4.48 -16.30
CA MET A 189 19.33 4.54 -16.20
C MET A 189 19.88 3.51 -15.25
N LEU A 190 21.19 3.28 -15.40
CA LEU A 190 21.98 2.39 -14.55
C LEU A 190 23.31 3.10 -14.12
N TYR A 191 23.67 2.92 -12.87
CA TYR A 191 24.75 3.51 -12.26
C TYR A 191 25.72 2.42 -11.90
N ASP A 192 26.94 2.53 -12.48
CA ASP A 192 28.01 1.60 -12.25
C ASP A 192 28.75 2.01 -11.01
N VAL A 193 28.61 1.19 -9.98
CA VAL A 193 29.06 1.51 -8.64
C VAL A 193 30.66 1.66 -8.62
N ALA A 194 31.28 0.84 -9.47
CA ALA A 194 32.74 0.68 -9.52
C ALA A 194 33.48 1.83 -10.30
N THR A 195 32.76 2.47 -11.22
CA THR A 195 33.24 3.56 -12.05
C THR A 195 32.63 4.93 -11.82
N GLY A 196 31.49 5.03 -11.16
CA GLY A 196 30.82 6.32 -10.94
C GLY A 196 30.12 6.84 -12.18
N TYR A 197 30.13 6.00 -13.20
CA TYR A 197 29.43 6.33 -14.45
C TYR A 197 27.92 5.86 -14.54
N LEU A 198 27.18 6.65 -15.30
CA LEU A 198 25.76 6.54 -15.44
C LEU A 198 25.48 6.17 -16.90
N SER A 199 24.83 5.06 -17.14
CA SER A 199 24.43 4.60 -18.50
C SER A 199 22.89 4.69 -18.68
N GLN A 200 22.45 4.86 -19.91
CA GLN A 200 21.05 4.83 -20.22
C GLN A 200 20.64 3.39 -20.47
N VAL A 201 19.46 2.98 -19.91
CA VAL A 201 18.83 1.63 -20.11
C VAL A 201 17.82 1.77 -21.25
N GLU A 202 17.96 0.90 -22.26
CA GLU A 202 17.05 0.89 -23.41
C GLU A 202 15.66 0.39 -22.93
N ILE A 203 14.65 1.16 -23.28
CA ILE A 203 13.33 0.94 -22.80
C ILE A 203 12.48 0.55 -23.98
N PRO A 204 11.64 -0.56 -23.75
CA PRO A 204 10.79 -0.98 -24.86
C PRO A 204 9.86 0.06 -25.38
N GLN A 205 9.63 -0.05 -26.67
CA GLN A 205 8.80 0.86 -27.45
C GLN A 205 7.41 0.62 -27.00
N ASP A 206 6.54 1.52 -27.42
CA ASP A 206 5.17 1.52 -26.93
C ASP A 206 4.25 0.47 -27.55
N GLU A 207 3.79 -0.42 -26.70
CA GLU A 207 3.18 -1.58 -27.25
C GLU A 207 1.74 -1.86 -27.05
N PHE A 208 0.95 -0.96 -26.44
CA PHE A 208 -0.47 -1.30 -26.12
C PHE A 208 -1.42 -0.20 -26.57
N ASN B 1 17.54 28.64 -19.20
CA ASN B 1 18.76 28.58 -18.39
C ASN B 1 18.47 28.92 -16.92
N PHE B 2 19.48 28.80 -16.06
CA PHE B 2 19.42 29.18 -14.64
C PHE B 2 20.79 29.65 -14.07
N PRO B 3 20.91 29.85 -12.74
CA PRO B 3 22.16 29.61 -11.98
C PRO B 3 22.37 28.18 -11.48
N PHE B 4 21.47 27.26 -11.86
CA PHE B 4 21.59 25.85 -11.51
C PHE B 4 22.35 25.16 -12.63
N THR B 5 22.95 24.02 -12.33
CA THR B 5 23.72 23.32 -13.33
C THR B 5 22.96 22.82 -14.55
N LEU B 6 21.69 22.39 -14.38
CA LEU B 6 20.81 21.88 -15.50
C LEU B 6 19.47 22.59 -15.59
N SER B 7 18.91 22.58 -16.79
CA SER B 7 17.64 23.28 -17.03
C SER B 7 16.46 22.28 -17.43
N SER B 8 15.22 22.81 -17.46
CA SER B 8 14.06 22.03 -17.97
C SER B 8 14.29 21.61 -19.40
N GLU B 9 15.12 22.40 -20.11
CA GLU B 9 15.39 22.17 -21.53
C GLU B 9 16.74 21.47 -21.78
N SER B 10 17.47 21.16 -20.71
CA SER B 10 18.74 20.43 -20.77
C SER B 10 18.55 19.06 -21.45
N THR B 11 19.63 18.45 -21.91
CA THR B 11 19.58 17.23 -22.73
C THR B 11 20.13 16.03 -21.95
N LEU B 12 19.96 14.84 -22.53
CA LEU B 12 20.55 13.61 -21.96
C LEU B 12 22.09 13.68 -21.87
N GLN B 13 22.70 14.09 -22.98
CA GLN B 13 24.15 14.29 -23.01
C GLN B 13 24.58 15.24 -21.89
N ASP B 14 23.82 16.32 -21.74
CA ASP B 14 24.03 17.32 -20.70
C ASP B 14 24.03 16.70 -19.32
N PHE B 15 23.07 15.79 -19.05
CA PHE B 15 23.08 15.07 -17.80
C PHE B 15 24.31 14.22 -17.68
N LEU B 16 24.60 13.45 -18.73
CA LEU B 16 25.80 12.59 -18.75
C LEU B 16 27.08 13.39 -18.45
N ASN B 17 27.14 14.58 -19.05
CA ASN B 17 28.19 15.53 -18.81
C ASN B 17 28.29 15.91 -17.36
N ASN B 18 27.18 16.24 -16.65
CA ASN B 18 27.33 16.54 -15.19
C ASN B 18 27.80 15.32 -14.40
N ASN B 19 27.45 14.18 -14.90
CA ASN B 19 27.87 12.94 -14.22
C ASN B 19 29.37 12.76 -14.47
N LYS B 20 29.82 13.09 -15.68
CA LYS B 20 31.28 13.05 -16.06
C LYS B 20 32.14 13.96 -15.18
N PHE B 21 31.61 15.15 -14.96
CA PHE B 21 32.19 16.04 -13.97
C PHE B 21 32.26 15.42 -12.57
N PHE B 22 31.18 14.78 -12.14
CA PHE B 22 31.14 14.15 -10.82
C PHE B 22 32.34 13.17 -10.65
N VAL B 23 32.53 12.35 -11.68
CA VAL B 23 33.54 11.31 -11.69
C VAL B 23 34.93 11.94 -11.65
N ASP B 24 35.11 12.94 -12.52
CA ASP B 24 36.41 13.67 -12.62
C ASP B 24 36.77 14.35 -11.29
N SER B 25 35.81 15.07 -10.75
CA SER B 25 35.97 15.73 -9.47
C SER B 25 36.40 14.77 -8.36
N ILE B 26 35.80 13.60 -8.33
CA ILE B 26 36.08 12.65 -7.24
C ILE B 26 37.48 12.04 -7.42
N LYS B 27 37.85 11.67 -8.65
CA LYS B 27 39.22 11.08 -8.83
C LYS B 27 40.31 12.17 -8.68
N HIS B 28 39.96 13.41 -9.03
CA HIS B 28 40.83 14.51 -8.78
C HIS B 28 41.24 14.70 -7.34
N ASN B 29 40.31 14.52 -6.43
CA ASN B 29 40.59 14.66 -5.02
C ASN B 29 41.05 13.41 -4.30
N HIS B 30 40.74 12.24 -4.82
CA HIS B 30 40.83 10.96 -4.01
C HIS B 30 41.42 9.82 -4.75
N GLY B 31 41.67 10.09 -6.02
CA GLY B 31 42.17 9.07 -6.93
C GLY B 31 41.01 8.13 -7.29
N ASN B 32 41.35 6.88 -7.59
CA ASN B 32 40.45 5.83 -7.88
C ASN B 32 40.04 5.12 -6.60
N GLN B 33 40.46 5.60 -5.45
CA GLN B 33 40.24 4.93 -4.18
C GLN B 33 38.72 4.80 -3.77
N ILE B 34 37.93 5.84 -4.04
CA ILE B 34 36.51 5.85 -3.62
C ILE B 34 35.67 4.81 -4.45
N PHE B 35 35.81 4.87 -5.75
CA PHE B 35 35.23 4.01 -6.68
C PHE B 35 35.73 2.59 -6.58
N ASP B 36 36.95 2.38 -6.17
CA ASP B 36 37.43 1.00 -5.90
C ASP B 36 36.73 0.39 -4.70
N LEU B 37 36.61 1.17 -3.64
CA LEU B 37 35.89 0.74 -2.42
C LEU B 37 34.38 0.52 -2.72
N ASN B 38 33.80 1.49 -3.40
CA ASN B 38 32.45 1.45 -3.85
C ASN B 38 32.16 0.18 -4.63
N GLY B 39 32.97 -0.06 -5.65
CA GLY B 39 32.88 -1.22 -6.50
C GLY B 39 32.91 -2.56 -5.77
N GLN B 40 33.51 -2.61 -4.60
CA GLN B 40 33.55 -3.87 -3.85
C GLN B 40 32.37 -4.11 -2.85
N GLY B 41 31.57 -3.09 -2.61
CA GLY B 41 30.56 -3.12 -1.59
C GLY B 41 30.37 -1.79 -0.91
N GLN B 42 29.45 -1.75 0.06
CA GLN B 42 29.10 -0.52 0.76
C GLN B 42 29.12 -0.73 2.26
N SER B 43 29.65 0.25 2.97
CA SER B 43 29.69 0.23 4.42
C SER B 43 29.33 1.60 5.02
N PRO B 44 28.11 2.07 4.71
CA PRO B 44 27.70 3.38 5.22
C PRO B 44 27.57 3.39 6.75
N HIS B 45 27.85 4.56 7.33
CA HIS B 45 27.85 4.69 8.80
C HIS B 45 26.54 5.29 9.28
N THR B 46 25.81 5.90 8.36
CA THR B 46 24.65 6.65 8.68
C THR B 46 23.48 6.30 7.73
N LEU B 47 22.27 6.27 8.33
CA LEU B 47 21.03 6.26 7.57
C LEU B 47 20.36 7.62 7.67
N TRP B 48 19.97 8.16 6.52
CA TRP B 48 19.27 9.45 6.46
C TRP B 48 17.89 9.27 5.94
N ILE B 49 16.91 9.66 6.75
CA ILE B 49 15.55 9.73 6.35
C ILE B 49 15.10 11.17 6.26
N GLY B 50 14.67 11.59 5.10
CA GLY B 50 14.35 12.98 4.91
C GLY B 50 13.35 13.19 3.80
N CYS B 51 13.05 14.45 3.51
CA CYS B 51 12.01 14.78 2.56
C CYS B 51 12.53 14.76 1.15
N SER B 52 11.62 14.56 0.22
CA SER B 52 11.99 14.45 -1.20
C SER B 52 12.39 15.79 -1.82
N ASP B 53 12.04 16.85 -1.10
CA ASP B 53 12.17 18.22 -1.53
C ASP B 53 13.54 18.37 -2.18
N SER B 54 13.57 19.06 -3.33
CA SER B 54 14.85 19.21 -4.07
C SER B 54 15.97 20.03 -3.30
N ARG B 55 15.54 20.85 -2.33
CA ARG B 55 16.39 21.76 -1.58
C ARG B 55 16.93 21.10 -0.39
N ALA B 56 16.24 20.08 0.09
CA ALA B 56 16.70 19.35 1.26
C ALA B 56 17.49 18.29 0.67
N GLY B 57 17.88 17.33 1.46
CA GLY B 57 18.72 16.34 0.72
C GLY B 57 20.00 16.19 1.44
N ASP B 58 20.44 14.94 1.53
CA ASP B 58 21.58 14.52 2.36
C ASP B 58 22.91 15.17 1.85
N GLN B 59 22.91 15.76 0.64
CA GLN B 59 24.08 16.47 0.07
C GLN B 59 24.45 17.65 0.96
N CYS B 60 23.48 18.15 1.75
CA CYS B 60 23.77 19.21 2.75
C CYS B 60 24.80 18.76 3.82
N LEU B 61 25.14 17.46 3.80
CA LEU B 61 26.18 16.96 4.72
C LEU B 61 27.54 16.77 4.06
N ALA B 62 27.60 17.07 2.77
CA ALA B 62 28.79 16.97 1.96
C ALA B 62 29.58 15.68 2.18
N THR B 63 29.00 14.55 1.81
CA THR B 63 29.63 13.23 2.02
C THR B 63 29.95 12.60 0.65
N LEU B 64 30.94 11.72 0.65
CA LEU B 64 31.24 10.95 -0.54
C LEU B 64 30.33 9.71 -0.65
N PRO B 65 30.13 9.19 -1.87
CA PRO B 65 29.43 7.94 -2.09
C PRO B 65 29.98 6.83 -1.20
N GLY B 66 29.11 6.16 -0.45
CA GLY B 66 29.49 5.05 0.42
C GLY B 66 29.39 5.37 1.89
N GLU B 67 28.80 6.52 2.23
CA GLU B 67 28.75 6.95 3.65
C GLU B 67 27.40 6.93 4.27
N ILE B 68 26.45 7.36 3.47
CA ILE B 68 25.08 7.54 3.91
C ILE B 68 24.07 6.80 3.06
N PHE B 69 23.37 5.86 3.73
CA PHE B 69 22.17 5.10 3.21
C PHE B 69 20.93 6.03 3.35
N VAL B 70 20.20 6.24 2.24
CA VAL B 70 19.23 7.30 2.16
C VAL B 70 17.81 6.75 1.85
N HIS B 71 16.86 7.24 2.62
CA HIS B 71 15.50 7.18 2.28
C HIS B 71 14.94 8.60 2.28
N ARG B 72 14.24 8.94 1.18
CA ARG B 72 13.54 10.20 1.07
C ARG B 72 12.12 10.04 0.55
N ASN B 73 11.17 10.64 1.25
CA ASN B 73 9.69 10.57 0.86
C ASN B 73 9.01 11.84 1.28
N ILE B 74 7.75 12.04 0.90
CA ILE B 74 7.11 13.34 1.15
C ILE B 74 6.93 13.58 2.64
N ALA B 75 7.48 14.66 3.12
CA ALA B 75 7.44 15.14 4.50
C ALA B 75 8.06 14.17 5.48
N ASN B 76 8.90 13.28 4.98
CA ASN B 76 9.83 12.48 5.83
C ASN B 76 9.13 11.83 6.94
N ILE B 77 8.05 11.18 6.54
CA ILE B 77 7.15 10.43 7.45
C ILE B 77 7.67 9.02 7.63
N VAL B 78 7.97 8.68 8.89
CA VAL B 78 8.32 7.32 9.26
C VAL B 78 7.10 6.71 9.91
N ASN B 79 6.39 5.90 9.14
CA ASN B 79 5.15 5.21 9.67
C ASN B 79 5.29 3.72 9.66
N ALA B 80 5.01 3.13 10.83
CA ALA B 80 5.13 1.65 11.08
C ALA B 80 4.41 0.73 10.10
N ASN B 81 3.34 1.24 9.48
CA ASN B 81 2.66 0.50 8.44
C ASN B 81 3.11 0.79 7.01
N ASP B 82 4.11 1.66 6.87
CA ASP B 82 4.71 1.96 5.58
C ASP B 82 5.95 1.08 5.33
N ILE B 83 5.81 0.17 4.39
CA ILE B 83 6.77 -0.86 4.20
C ILE B 83 8.04 -0.33 3.49
N SER B 84 7.89 0.75 2.68
CA SER B 84 9.05 1.38 2.05
C SER B 84 10.07 1.78 3.11
N SER B 85 9.63 2.66 4.00
CA SER B 85 10.44 3.06 5.15
C SER B 85 10.90 1.91 6.06
N GLN B 86 10.01 1.01 6.36
CA GLN B 86 10.32 -0.10 7.29
C GLN B 86 11.42 -1.05 6.73
N GLY B 87 11.38 -1.32 5.41
CA GLY B 87 12.41 -2.09 4.73
C GLY B 87 13.77 -1.39 4.85
N VAL B 88 13.78 -0.12 4.51
CA VAL B 88 15.06 0.70 4.58
C VAL B 88 15.69 0.62 5.97
N ILE B 89 14.85 0.82 6.98
CA ILE B 89 15.29 0.80 8.38
C ILE B 89 15.78 -0.59 8.78
N GLN B 90 15.06 -1.61 8.35
CA GLN B 90 15.45 -2.95 8.71
C GLN B 90 16.81 -3.26 8.16
N PHE B 91 16.94 -3.08 6.85
CA PHE B 91 18.17 -3.33 6.16
C PHE B 91 19.34 -2.54 6.69
N ALA B 92 19.09 -1.27 7.00
CA ALA B 92 20.13 -0.39 7.49
C ALA B 92 20.68 -0.86 8.82
N ILE B 93 19.79 -1.22 9.73
CA ILE B 93 20.21 -1.61 11.07
C ILE B 93 20.73 -3.04 11.10
N ASP B 94 19.93 -3.95 10.58
CA ASP B 94 20.23 -5.40 10.63
C ASP B 94 21.38 -5.87 9.72
N VAL B 95 21.43 -5.31 8.51
CA VAL B 95 22.44 -5.73 7.54
C VAL B 95 23.74 -4.82 7.50
N LEU B 96 23.55 -3.53 7.21
CA LEU B 96 24.58 -2.53 7.10
C LEU B 96 25.11 -2.09 8.44
N LYS B 97 24.41 -2.36 9.50
CA LYS B 97 24.85 -1.98 10.84
C LYS B 97 25.26 -0.50 10.95
N VAL B 98 24.52 0.41 10.33
CA VAL B 98 24.74 1.83 10.54
C VAL B 98 24.82 2.19 12.03
N LYS B 99 25.60 3.20 12.38
CA LYS B 99 25.76 3.59 13.78
C LYS B 99 24.94 4.83 14.09
N LYS B 100 24.52 5.55 13.07
CA LYS B 100 23.65 6.70 13.27
C LYS B 100 22.41 6.67 12.31
N ILE B 101 21.25 7.00 12.86
CA ILE B 101 20.07 7.27 12.03
C ILE B 101 19.63 8.69 12.23
N ILE B 102 19.33 9.36 11.11
CA ILE B 102 19.02 10.78 11.15
C ILE B 102 17.77 11.00 10.48
N VAL B 103 16.85 11.60 11.20
CA VAL B 103 15.62 11.98 10.60
C VAL B 103 15.63 13.48 10.44
N CYS B 104 15.44 13.93 9.21
CA CYS B 104 15.53 15.30 8.94
C CYS B 104 14.36 15.91 8.28
N GLY B 105 13.69 16.82 8.98
CA GLY B 105 12.69 17.69 8.37
C GLY B 105 13.29 18.99 7.83
N HIS B 106 12.46 19.84 7.26
CA HIS B 106 12.96 21.10 6.76
C HIS B 106 11.91 22.19 6.74
N THR B 107 12.32 23.43 6.64
CA THR B 107 11.45 24.60 6.52
C THR B 107 10.89 24.67 5.12
N ASP B 108 9.75 25.30 5.01
CA ASP B 108 9.01 25.41 3.75
C ASP B 108 8.59 24.04 3.17
N CYS B 109 8.42 23.04 4.03
CA CYS B 109 8.06 21.72 3.54
C CYS B 109 6.60 21.69 3.07
N GLY B 110 6.40 21.43 1.79
CA GLY B 110 5.07 21.39 1.16
C GLY B 110 4.04 20.43 1.80
N GLY B 111 4.53 19.31 2.31
CA GLY B 111 3.72 18.38 3.04
C GLY B 111 3.24 18.92 4.37
N ILE B 112 4.07 19.73 4.97
CA ILE B 112 3.74 20.44 6.21
C ILE B 112 2.69 21.49 5.90
N TRP B 113 2.95 22.34 4.89
CA TRP B 113 1.97 23.38 4.52
C TRP B 113 0.58 22.79 4.15
N ALA B 114 0.57 21.63 3.55
CA ALA B 114 -0.64 21.03 3.12
C ALA B 114 -1.38 20.42 4.35
N SER B 115 -0.63 19.89 5.31
CA SER B 115 -1.18 19.42 6.54
C SER B 115 -1.71 20.55 7.45
N LEU B 116 -1.32 21.79 7.22
CA LEU B 116 -1.82 22.92 8.02
C LEU B 116 -3.21 23.32 7.59
N SER B 117 -3.51 23.10 6.32
CA SER B 117 -4.87 23.24 5.82
C SER B 117 -5.62 21.91 6.09
N LYS B 118 -6.94 21.92 6.06
CA LYS B 118 -7.67 20.62 5.98
C LYS B 118 -8.52 20.55 4.70
N LYS B 119 -8.25 21.48 3.79
CA LYS B 119 -8.58 21.37 2.36
C LYS B 119 -8.04 20.05 1.80
N LYS B 120 -8.84 19.31 1.05
CA LYS B 120 -8.35 18.02 0.60
C LYS B 120 -7.36 18.21 -0.57
N ILE B 121 -6.31 17.39 -0.57
CA ILE B 121 -5.30 17.47 -1.63
C ILE B 121 -5.72 16.66 -2.87
N GLY B 122 -6.31 15.51 -2.61
CA GLY B 122 -6.73 14.63 -3.70
C GLY B 122 -5.66 13.58 -3.98
N GLY B 123 -5.97 12.74 -4.95
CA GLY B 123 -5.17 11.54 -5.23
C GLY B 123 -4.88 10.78 -3.92
N VAL B 124 -3.63 10.55 -3.73
CA VAL B 124 -3.12 9.75 -2.65
C VAL B 124 -2.69 10.59 -1.44
N LEU B 125 -2.55 11.90 -1.63
CA LEU B 125 -1.72 12.70 -0.69
C LEU B 125 -2.44 12.97 0.60
N ASP B 126 -3.78 13.04 0.54
CA ASP B 126 -4.59 13.15 1.79
C ASP B 126 -4.33 11.98 2.77
N LEU B 127 -4.11 10.82 2.16
CA LEU B 127 -3.84 9.59 2.92
C LEU B 127 -2.47 9.55 3.41
N TRP B 128 -1.56 9.85 2.48
CA TRP B 128 -0.09 9.91 2.80
C TRP B 128 0.14 10.83 3.95
N LEU B 129 -0.47 12.02 3.85
CA LEU B 129 -0.22 13.11 4.84
C LEU B 129 -1.03 13.03 6.11
N ASN B 130 -1.89 12.02 6.17
CA ASN B 130 -2.77 11.91 7.30
C ASN B 130 -2.01 11.88 8.64
N PRO B 131 -0.95 11.09 8.75
CA PRO B 131 -0.33 11.16 10.07
C PRO B 131 0.17 12.57 10.48
N VAL B 132 0.37 13.46 9.51
CA VAL B 132 0.82 14.82 9.85
C VAL B 132 -0.36 15.70 10.23
N ARG B 133 -1.43 15.56 9.49
CA ARG B 133 -2.71 16.18 9.92
C ARG B 133 -3.08 15.81 11.36
N HIS B 134 -2.81 14.57 11.73
CA HIS B 134 -2.98 14.13 13.11
C HIS B 134 -2.19 14.94 14.06
N ILE B 135 -0.89 15.07 13.77
CA ILE B 135 0.03 15.87 14.60
C ILE B 135 -0.49 17.29 14.80
N ARG B 136 -0.96 17.90 13.71
CA ARG B 136 -1.53 19.24 13.77
C ARG B 136 -2.68 19.31 14.75
N ALA B 137 -3.61 18.34 14.65
CA ALA B 137 -4.78 18.26 15.52
C ALA B 137 -4.43 18.09 17.00
N ALA B 138 -3.50 17.19 17.29
CA ALA B 138 -3.03 16.96 18.67
C ALA B 138 -2.14 18.07 19.29
N ASN B 139 -1.81 19.11 18.52
CA ASN B 139 -0.99 20.22 19.00
C ASN B 139 -1.59 21.54 18.59
N LEU B 140 -2.89 21.57 18.41
CA LEU B 140 -3.59 22.73 17.84
C LEU B 140 -3.36 24.00 18.62
N LYS B 141 -3.45 23.91 19.95
CA LYS B 141 -3.42 25.07 20.80
C LYS B 141 -2.01 25.65 20.76
N LEU B 142 -1.03 24.77 20.63
CA LEU B 142 0.35 25.16 20.50
C LEU B 142 0.68 25.86 19.17
N LEU B 143 0.28 25.27 18.07
CA LEU B 143 0.52 25.81 16.74
C LEU B 143 -0.19 27.12 16.50
N GLU B 144 -1.25 27.38 17.24
CA GLU B 144 -2.01 28.63 17.07
C GLU B 144 -1.36 29.80 17.77
N GLU B 145 -0.50 29.47 18.72
CA GLU B 145 0.41 30.44 19.32
C GLU B 145 1.43 31.03 18.31
N TYR B 146 1.39 30.58 17.05
CA TYR B 146 2.28 31.00 15.98
C TYR B 146 1.49 31.56 14.80
N ASN B 147 0.29 32.01 15.07
CA ASN B 147 -0.59 32.45 14.00
C ASN B 147 -0.09 33.63 13.20
N GLN B 148 0.53 34.59 13.89
CA GLN B 148 0.88 35.86 13.26
C GLN B 148 2.08 35.76 12.33
N ASP B 149 2.83 34.66 12.43
CA ASP B 149 3.89 34.35 11.49
C ASP B 149 3.74 32.89 10.99
N PRO B 150 2.97 32.72 9.91
CA PRO B 150 2.71 31.41 9.30
C PRO B 150 3.94 30.56 9.08
N LYS B 151 5.08 31.18 8.80
CA LYS B 151 6.31 30.44 8.52
C LYS B 151 6.88 29.77 9.75
N LEU B 152 6.72 30.38 10.92
CA LEU B 152 7.18 29.77 12.15
C LEU B 152 6.16 28.73 12.63
N LYS B 153 4.94 28.84 12.12
CA LYS B 153 3.89 27.81 12.37
C LYS B 153 4.28 26.49 11.70
N ALA B 154 4.62 26.61 10.41
CA ALA B 154 5.15 25.51 9.61
C ALA B 154 6.46 24.93 10.13
N LYS B 155 7.32 25.77 10.68
CA LYS B 155 8.54 25.27 11.26
C LYS B 155 8.26 24.41 12.48
N LYS B 156 7.39 24.90 13.35
CA LYS B 156 6.98 24.07 14.55
C LYS B 156 6.31 22.75 14.19
N LEU B 157 5.49 22.77 13.16
CA LEU B 157 4.85 21.55 12.76
C LEU B 157 5.86 20.59 12.18
N ALA B 158 6.75 21.13 11.36
CA ALA B 158 7.87 20.35 10.77
C ALA B 158 8.81 19.74 11.82
N GLU B 159 8.99 20.44 12.92
CA GLU B 159 9.68 19.88 14.09
C GLU B 159 8.87 18.81 14.84
N LEU B 160 7.56 19.04 14.97
CA LEU B 160 6.65 18.04 15.60
C LEU B 160 6.63 16.76 14.79
N ASN B 161 6.49 16.92 13.48
CA ASN B 161 6.58 15.80 12.55
C ASN B 161 7.88 15.00 12.64
N VAL B 162 8.99 15.67 12.92
CA VAL B 162 10.26 15.02 13.08
C VAL B 162 10.32 14.21 14.34
N ILE B 163 9.87 14.83 15.43
CA ILE B 163 9.70 14.12 16.70
C ILE B 163 8.81 12.88 16.59
N SER B 164 7.70 13.03 15.83
CA SER B 164 6.79 11.89 15.65
C SER B 164 7.46 10.78 14.85
N SER B 165 8.12 11.13 13.75
CA SER B 165 8.86 10.16 12.92
C SER B 165 9.96 9.43 13.68
N VAL B 166 10.73 10.17 14.45
CA VAL B 166 11.81 9.61 15.27
C VAL B 166 11.24 8.65 16.30
N THR B 167 10.14 9.04 16.91
CA THR B 167 9.41 8.16 17.87
C THR B 167 9.00 6.83 17.21
N ALA B 168 8.47 6.91 15.98
CA ALA B 168 8.07 5.68 15.27
C ALA B 168 9.25 4.83 14.87
N LEU B 169 10.32 5.52 14.45
CA LEU B 169 11.55 4.84 14.06
C LEU B 169 12.07 3.96 15.22
N LYS B 170 12.07 4.52 16.41
CA LYS B 170 12.62 3.84 17.58
C LYS B 170 11.77 2.62 18.04
N ARG B 171 10.50 2.59 17.62
CA ARG B 171 9.64 1.48 17.93
C ARG B 171 9.78 0.36 16.91
N HIS B 172 10.52 0.59 15.86
CA HIS B 172 10.91 -0.47 14.96
C HIS B 172 11.68 -1.52 15.77
N PRO B 173 11.30 -2.82 15.64
CA PRO B 173 11.96 -3.93 16.37
C PRO B 173 13.48 -3.94 16.24
N SER B 174 14.02 -3.82 15.04
CA SER B 174 15.51 -3.64 14.83
C SER B 174 16.11 -2.52 15.66
N ALA B 175 15.51 -1.35 15.51
CA ALA B 175 15.88 -0.15 16.22
C ALA B 175 15.87 -0.31 17.71
N SER B 176 14.78 -0.87 18.24
CA SER B 176 14.60 -1.06 19.69
C SER B 176 15.68 -1.89 20.35
N VAL B 177 15.99 -3.02 19.72
CA VAL B 177 17.02 -3.95 20.24
C VAL B 177 18.37 -3.25 20.14
N ALA B 178 18.57 -2.51 19.04
CA ALA B 178 19.84 -1.79 18.79
C ALA B 178 20.00 -0.65 19.78
N LEU B 179 18.90 0.04 20.04
CA LEU B 179 18.89 1.14 20.98
C LEU B 179 19.20 0.70 22.39
N LYS B 180 18.67 -0.45 22.78
CA LYS B 180 18.87 -0.91 24.14
C LYS B 180 20.29 -1.43 24.34
N LYS B 181 20.91 -1.84 23.24
CA LYS B 181 22.29 -2.34 23.28
C LYS B 181 23.35 -1.20 23.19
N ASN B 182 22.89 0.04 23.24
CA ASN B 182 23.70 1.23 22.98
C ASN B 182 24.47 1.10 21.67
N GLU B 183 23.91 0.34 20.72
CA GLU B 183 24.52 -0.01 19.43
C GLU B 183 24.24 1.03 18.32
N ILE B 184 23.41 2.01 18.62
CA ILE B 184 23.04 3.00 17.63
C ILE B 184 22.65 4.33 18.26
N GLU B 185 22.81 5.40 17.47
CA GLU B 185 22.39 6.74 17.83
C GLU B 185 21.34 7.24 16.86
N VAL B 186 20.35 7.93 17.41
CA VAL B 186 19.28 8.48 16.60
C VAL B 186 19.12 9.96 16.84
N TRP B 187 19.06 10.70 15.75
CA TRP B 187 19.01 12.15 15.81
C TRP B 187 17.86 12.69 15.00
N GLY B 188 17.15 13.62 15.59
CA GLY B 188 16.25 14.45 14.86
C GLY B 188 16.99 15.72 14.42
N MET B 189 16.69 16.17 13.22
CA MET B 189 17.21 17.44 12.75
C MET B 189 16.23 18.17 11.88
N LEU B 190 16.57 19.43 11.65
CA LEU B 190 15.82 20.30 10.77
C LEU B 190 16.82 21.05 9.82
N TYR B 191 16.43 21.24 8.57
CA TYR B 191 17.19 21.86 7.57
C TYR B 191 16.52 23.13 7.15
N ASP B 192 17.24 24.26 7.35
CA ASP B 192 16.77 25.59 6.97
C ASP B 192 17.11 25.83 5.55
N VAL B 193 16.09 25.83 4.75
CA VAL B 193 16.20 25.85 3.31
C VAL B 193 16.78 27.22 2.79
N ALA B 194 16.49 28.26 3.56
CA ALA B 194 16.88 29.61 3.22
C ALA B 194 18.39 29.86 3.49
N THR B 195 18.99 29.04 4.35
CA THR B 195 20.30 29.25 4.82
C THR B 195 21.29 28.10 4.61
N GLY B 196 20.83 26.93 4.29
CA GLY B 196 21.69 25.76 4.05
C GLY B 196 22.13 25.09 5.32
N TYR B 197 21.74 25.66 6.43
CA TYR B 197 22.15 25.15 7.75
C TYR B 197 21.20 24.12 8.35
N LEU B 198 21.82 23.24 9.09
CA LEU B 198 21.23 22.10 9.65
C LEU B 198 21.28 22.23 11.16
N SER B 199 20.13 22.12 11.82
CA SER B 199 20.16 22.14 13.30
C SER B 199 19.56 20.86 13.90
N GLN B 200 19.89 20.59 15.17
CA GLN B 200 19.36 19.49 15.87
C GLN B 200 17.97 19.82 16.41
N VAL B 201 17.08 18.83 16.41
CA VAL B 201 15.78 18.91 17.12
C VAL B 201 15.90 18.19 18.44
N GLU B 202 15.53 18.89 19.52
CA GLU B 202 15.40 18.28 20.85
C GLU B 202 14.27 17.20 20.87
N ILE B 203 14.67 15.95 21.06
CA ILE B 203 13.77 14.86 21.13
C ILE B 203 13.64 14.45 22.60
N PRO B 204 12.39 14.22 23.06
CA PRO B 204 12.07 13.75 24.41
C PRO B 204 12.81 12.45 24.80
N GLN B 205 13.04 12.24 26.09
CA GLN B 205 13.68 11.00 26.59
C GLN B 205 13.48 10.78 28.09
N ASN C 1 -22.57 -34.76 2.77
CA ASN C 1 -21.41 -34.93 3.69
C ASN C 1 -21.35 -33.85 4.80
N PHE C 2 -22.45 -33.11 4.98
CA PHE C 2 -22.60 -32.16 6.09
C PHE C 2 -24.12 -31.92 6.49
N PRO C 3 -24.38 -31.24 7.63
CA PRO C 3 -25.59 -30.38 7.80
C PRO C 3 -25.54 -28.98 7.10
N PHE C 4 -24.46 -28.72 6.37
CA PHE C 4 -24.32 -27.54 5.51
C PHE C 4 -24.86 -27.85 4.12
N THR C 5 -25.18 -26.81 3.37
CA THR C 5 -25.74 -26.99 2.05
C THR C 5 -24.82 -27.64 1.02
N LEU C 6 -23.50 -27.48 1.24
CA LEU C 6 -22.46 -27.98 0.33
C LEU C 6 -21.33 -28.60 1.15
N SER C 7 -20.58 -29.49 0.52
CA SER C 7 -19.35 -30.00 1.12
C SER C 7 -18.13 -29.76 0.17
N SER C 8 -16.95 -30.20 0.59
CA SER C 8 -15.76 -30.16 -0.30
C SER C 8 -15.97 -30.94 -1.60
N GLU C 9 -16.74 -32.03 -1.48
CA GLU C 9 -17.01 -33.02 -2.54
C GLU C 9 -18.12 -32.62 -3.56
N SER C 10 -18.77 -31.48 -3.33
CA SER C 10 -19.80 -30.96 -4.24
C SER C 10 -19.28 -30.67 -5.65
N THR C 11 -20.18 -30.40 -6.55
CA THR C 11 -19.90 -30.23 -7.97
C THR C 11 -20.20 -28.83 -8.37
N LEU C 12 -19.65 -28.40 -9.51
CA LEU C 12 -20.15 -27.19 -10.16
C LEU C 12 -21.68 -27.16 -10.27
N GLN C 13 -22.26 -28.27 -10.69
CA GLN C 13 -23.72 -28.37 -10.81
C GLN C 13 -24.43 -28.16 -9.46
N ASP C 14 -23.95 -28.86 -8.46
CA ASP C 14 -24.40 -28.69 -7.09
C ASP C 14 -24.36 -27.24 -6.65
N PHE C 15 -23.23 -26.58 -6.90
CA PHE C 15 -23.09 -25.16 -6.63
C PHE C 15 -24.14 -24.35 -7.38
N LEU C 16 -24.25 -24.63 -8.66
CA LEU C 16 -25.20 -23.91 -9.51
C LEU C 16 -26.65 -24.18 -9.07
N ASN C 17 -26.87 -25.36 -8.50
CA ASN C 17 -28.20 -25.71 -7.91
C ASN C 17 -28.50 -24.83 -6.73
N ASN C 18 -27.52 -24.59 -5.85
CA ASN C 18 -27.70 -23.62 -4.74
C ASN C 18 -28.07 -22.25 -5.24
N ASN C 19 -27.51 -21.87 -6.35
CA ASN C 19 -27.70 -20.50 -6.85
C ASN C 19 -29.06 -20.40 -7.46
N LYS C 20 -29.49 -21.47 -8.10
CA LYS C 20 -30.92 -21.63 -8.60
C LYS C 20 -31.98 -21.53 -7.48
N PHE C 21 -31.67 -22.14 -6.35
CA PHE C 21 -32.41 -21.88 -5.19
C PHE C 21 -32.43 -20.44 -4.76
N PHE C 22 -31.25 -19.82 -4.65
CA PHE C 22 -31.21 -18.44 -4.24
C PHE C 22 -32.18 -17.61 -5.09
N VAL C 23 -32.11 -17.81 -6.41
CA VAL C 23 -32.88 -17.00 -7.35
C VAL C 23 -34.38 -17.27 -7.12
N ASP C 24 -34.75 -18.57 -7.12
CA ASP C 24 -36.22 -19.05 -6.91
C ASP C 24 -36.76 -18.52 -5.61
N SER C 25 -35.96 -18.63 -4.55
CA SER C 25 -36.30 -18.07 -3.26
C SER C 25 -36.59 -16.59 -3.32
N ILE C 26 -35.73 -15.81 -3.98
CA ILE C 26 -35.97 -14.35 -4.00
C ILE C 26 -37.27 -14.07 -4.82
N LYS C 27 -37.41 -14.78 -5.91
CA LYS C 27 -38.53 -14.57 -6.78
C LYS C 27 -39.87 -14.99 -6.07
N HIS C 28 -39.81 -16.07 -5.32
CA HIS C 28 -40.94 -16.50 -4.59
C HIS C 28 -41.49 -15.40 -3.70
N ASN C 29 -40.61 -14.68 -3.03
CA ASN C 29 -41.01 -13.69 -2.04
C ASN C 29 -41.24 -12.30 -2.60
N HIS C 30 -40.57 -11.97 -3.70
CA HIS C 30 -40.51 -10.56 -4.15
C HIS C 30 -40.81 -10.40 -5.62
N GLY C 31 -40.99 -11.53 -6.28
CA GLY C 31 -41.14 -11.52 -7.72
C GLY C 31 -39.85 -11.01 -8.33
N ASN C 32 -39.98 -10.30 -9.45
CA ASN C 32 -38.84 -9.77 -10.21
C ASN C 32 -38.38 -8.44 -9.71
N GLN C 33 -38.98 -7.91 -8.66
CA GLN C 33 -38.83 -6.55 -8.25
C GLN C 33 -37.36 -6.21 -7.88
N ILE C 34 -36.68 -7.19 -7.29
CA ILE C 34 -35.33 -6.98 -6.84
C ILE C 34 -34.33 -7.09 -8.00
N PHE C 35 -34.35 -8.19 -8.72
CA PHE C 35 -33.53 -8.37 -9.88
C PHE C 35 -33.83 -7.39 -10.99
N ASP C 36 -34.92 -6.64 -10.87
CA ASP C 36 -35.16 -5.52 -11.78
C ASP C 36 -34.46 -4.27 -11.31
N LEU C 37 -34.55 -4.01 -10.01
CA LEU C 37 -33.82 -2.91 -9.38
C LEU C 37 -32.25 -3.09 -9.47
N ASN C 38 -31.80 -4.29 -9.13
CA ASN C 38 -30.45 -4.68 -9.21
C ASN C 38 -29.91 -4.47 -10.60
N GLY C 39 -30.68 -4.87 -11.59
CA GLY C 39 -30.28 -4.80 -12.96
C GLY C 39 -30.10 -3.40 -13.55
N GLN C 40 -30.58 -2.38 -12.83
CA GLN C 40 -30.45 -0.99 -13.28
C GLN C 40 -29.51 -0.12 -12.39
N GLY C 41 -28.87 -0.76 -11.40
CA GLY C 41 -27.95 -0.08 -10.52
C GLY C 41 -27.98 -0.61 -9.09
N GLN C 42 -27.07 -0.12 -8.27
CA GLN C 42 -27.07 -0.41 -6.83
C GLN C 42 -27.16 0.90 -6.08
N SER C 43 -27.95 0.94 -5.03
CA SER C 43 -28.02 2.07 -4.13
C SER C 43 -27.95 1.59 -2.67
N PRO C 44 -27.02 0.71 -2.33
CA PRO C 44 -26.88 0.34 -0.93
C PRO C 44 -26.90 1.47 0.08
N HIS C 45 -27.45 1.16 1.24
CA HIS C 45 -27.56 2.14 2.32
C HIS C 45 -26.42 1.99 3.34
N THR C 46 -25.73 0.87 3.29
CA THR C 46 -24.73 0.51 4.30
C THR C 46 -23.44 -0.04 3.70
N LEU C 47 -22.30 0.37 4.31
CA LEU C 47 -21.01 -0.28 4.08
C LEU C 47 -20.64 -1.18 5.24
N TRP C 48 -20.25 -2.40 4.92
CA TRP C 48 -19.91 -3.42 5.92
C TRP C 48 -18.47 -3.78 5.70
N ILE C 49 -17.64 -3.54 6.73
CA ILE C 49 -16.32 -4.02 6.75
C ILE C 49 -16.27 -5.04 7.84
N GLY C 50 -15.93 -6.27 7.46
CA GLY C 50 -15.72 -7.35 8.43
C GLY C 50 -14.69 -8.37 7.96
N CYS C 51 -14.58 -9.44 8.70
CA CYS C 51 -13.56 -10.47 8.55
C CYS C 51 -13.94 -11.46 7.50
N SER C 52 -12.95 -12.11 6.93
CA SER C 52 -13.17 -13.05 5.82
C SER C 52 -13.84 -14.36 6.30
N ASP C 53 -13.78 -14.53 7.62
CA ASP C 53 -14.14 -15.73 8.27
C ASP C 53 -15.53 -16.24 7.75
N SER C 54 -15.56 -17.54 7.46
CA SER C 54 -16.78 -18.18 6.88
C SER C 54 -18.08 -18.20 7.82
N ARG C 55 -17.92 -17.90 9.09
CA ARG C 55 -19.01 -17.74 10.00
C ARG C 55 -19.52 -16.34 10.19
N ALA C 56 -18.70 -15.35 9.87
CA ALA C 56 -19.01 -13.94 10.27
C ALA C 56 -19.26 -12.96 9.13
N GLY C 57 -19.84 -13.49 8.08
CA GLY C 57 -20.26 -12.66 6.98
C GLY C 57 -21.42 -11.71 7.28
N ASP C 58 -21.59 -10.77 6.31
CA ASP C 58 -22.72 -9.81 6.37
C ASP C 58 -24.10 -10.47 6.30
N GLN C 59 -24.10 -11.73 5.88
CA GLN C 59 -25.36 -12.65 5.94
C GLN C 59 -26.13 -12.50 7.27
N CYS C 60 -25.43 -12.27 8.36
CA CYS C 60 -25.96 -12.19 9.69
C CYS C 60 -26.89 -11.01 9.84
N LEU C 61 -27.03 -10.26 8.74
CA LEU C 61 -28.01 -9.15 8.75
C LEU C 61 -29.27 -9.45 7.92
N ALA C 62 -29.26 -10.60 7.26
CA ALA C 62 -30.39 -11.09 6.51
C ALA C 62 -30.94 -10.05 5.54
N THR C 63 -30.03 -9.36 4.87
CA THR C 63 -30.46 -8.38 3.90
C THR C 63 -30.53 -9.01 2.53
N LEU C 64 -31.27 -8.35 1.64
CA LEU C 64 -31.34 -8.73 0.24
C LEU C 64 -30.21 -8.12 -0.58
N PRO C 65 -29.88 -8.71 -1.73
CA PRO C 65 -28.94 -8.10 -2.66
C PRO C 65 -29.36 -6.69 -3.03
N GLY C 66 -28.40 -5.74 -2.94
CA GLY C 66 -28.67 -4.35 -3.26
C GLY C 66 -28.71 -3.47 -2.04
N GLU C 67 -28.42 -4.05 -0.86
CA GLU C 67 -28.55 -3.26 0.36
C GLU C 67 -27.24 -2.88 1.02
N ILE C 68 -26.28 -3.79 0.94
CA ILE C 68 -25.06 -3.63 1.68
C ILE C 68 -23.82 -3.79 0.79
N PHE C 69 -22.98 -2.74 0.79
CA PHE C 69 -21.66 -2.74 0.13
C PHE C 69 -20.66 -3.41 1.08
N VAL C 70 -19.89 -4.38 0.58
CA VAL C 70 -19.03 -5.19 1.45
C VAL C 70 -17.53 -5.24 1.14
N HIS C 71 -16.70 -5.12 2.18
CA HIS C 71 -15.44 -5.51 2.10
C HIS C 71 -15.18 -6.51 3.26
N ARG C 72 -14.46 -7.59 2.91
CA ARG C 72 -13.98 -8.53 3.93
C ARG C 72 -12.52 -8.94 3.76
N ASN C 73 -11.78 -8.89 4.85
CA ASN C 73 -10.36 -9.33 4.90
C ASN C 73 -10.01 -9.95 6.23
N ILE C 74 -8.84 -10.53 6.35
CA ILE C 74 -8.42 -11.12 7.60
C ILE C 74 -8.47 -10.11 8.76
N ALA C 75 -9.33 -10.41 9.75
CA ALA C 75 -9.42 -9.70 11.04
C ALA C 75 -9.94 -8.27 10.93
N ASN C 76 -10.66 -8.01 9.86
CA ASN C 76 -11.32 -6.72 9.63
C ASN C 76 -10.43 -5.54 10.00
N ILE C 77 -9.29 -5.47 9.31
CA ILE C 77 -8.26 -4.46 9.52
C ILE C 77 -8.46 -3.34 8.52
N VAL C 78 -8.62 -2.12 9.03
CA VAL C 78 -8.67 -0.92 8.19
C VAL C 78 -7.46 -0.03 8.41
N ASN C 79 -6.65 0.07 7.36
CA ASN C 79 -5.42 0.87 7.40
C ASN C 79 -5.27 1.81 6.20
N ALA C 80 -4.84 3.06 6.48
CA ALA C 80 -4.64 4.12 5.42
C ALA C 80 -3.58 3.80 4.37
N ASN C 81 -2.68 2.89 4.73
CA ASN C 81 -1.67 2.44 3.75
C ASN C 81 -2.23 1.39 2.79
N ASP C 82 -3.33 0.78 3.20
CA ASP C 82 -4.01 -0.25 2.42
C ASP C 82 -5.02 0.38 1.41
N ILE C 83 -4.57 0.39 0.16
CA ILE C 83 -5.31 0.96 -0.99
C ILE C 83 -6.61 0.19 -1.18
N SER C 84 -6.67 -1.05 -0.71
CA SER C 84 -7.91 -1.86 -0.87
C SER C 84 -9.04 -1.32 0.03
N SER C 85 -8.85 -1.38 1.36
CA SER C 85 -9.70 -0.65 2.35
C SER C 85 -10.12 0.75 1.83
N GLN C 86 -9.11 1.59 1.58
CA GLN C 86 -9.34 3.03 1.36
C GLN C 86 -10.12 3.25 0.08
N GLY C 87 -9.85 2.37 -0.91
CA GLY C 87 -10.57 2.45 -2.19
C GLY C 87 -12.04 2.21 -1.90
N VAL C 88 -12.30 1.21 -1.08
CA VAL C 88 -13.73 0.80 -0.80
C VAL C 88 -14.44 1.92 -0.08
N ILE C 89 -13.82 2.36 1.03
CA ILE C 89 -14.29 3.50 1.85
C ILE C 89 -14.57 4.72 1.01
N GLN C 90 -13.61 5.09 0.19
CA GLN C 90 -13.76 6.23 -0.69
C GLN C 90 -14.95 6.10 -1.60
N PHE C 91 -15.08 4.96 -2.31
CA PHE C 91 -16.17 4.74 -3.27
C PHE C 91 -17.54 4.71 -2.61
N ALA C 92 -17.60 4.10 -1.43
CA ALA C 92 -18.83 3.95 -0.73
C ALA C 92 -19.39 5.31 -0.36
N ILE C 93 -18.53 6.17 0.10
CA ILE C 93 -18.99 7.44 0.67
C ILE C 93 -19.22 8.48 -0.40
N ASP C 94 -18.28 8.62 -1.30
CA ASP C 94 -18.35 9.70 -2.33
C ASP C 94 -19.28 9.35 -3.47
N VAL C 95 -19.20 8.09 -3.89
CA VAL C 95 -20.03 7.65 -5.04
C VAL C 95 -21.40 7.09 -4.58
N LEU C 96 -21.34 6.00 -3.82
CA LEU C 96 -22.55 5.29 -3.37
C LEU C 96 -23.27 6.08 -2.29
N LYS C 97 -22.55 6.94 -1.59
CA LYS C 97 -23.16 7.76 -0.55
C LYS C 97 -24.00 6.88 0.46
N VAL C 98 -23.45 5.75 0.83
CA VAL C 98 -23.90 5.03 1.98
C VAL C 98 -24.16 5.94 3.20
N LYS C 99 -25.17 5.61 4.02
CA LYS C 99 -25.50 6.45 5.21
C LYS C 99 -25.03 5.77 6.51
N LYS C 100 -24.67 4.50 6.45
CA LYS C 100 -24.19 3.77 7.63
C LYS C 100 -22.96 2.97 7.27
N ILE C 101 -22.01 2.95 8.20
CA ILE C 101 -20.84 2.12 8.04
C ILE C 101 -20.62 1.27 9.27
N ILE C 102 -20.34 -0.01 9.05
CA ILE C 102 -20.20 -0.97 10.12
C ILE C 102 -18.92 -1.68 10.01
N VAL C 103 -18.21 -1.73 11.11
CA VAL C 103 -16.99 -2.49 11.18
C VAL C 103 -17.24 -3.63 12.16
N CYS C 104 -17.18 -4.84 11.65
CA CYS C 104 -17.46 -5.95 12.44
C CYS C 104 -16.41 -7.01 12.60
N GLY C 105 -15.90 -7.09 13.82
CA GLY C 105 -15.10 -8.22 14.24
C GLY C 105 -15.98 -9.28 14.82
N HIS C 106 -15.35 -10.27 15.42
CA HIS C 106 -16.08 -11.41 15.89
C HIS C 106 -15.26 -12.29 16.78
N THR C 107 -15.91 -13.12 17.57
CA THR C 107 -15.27 -14.08 18.45
C THR C 107 -14.62 -15.21 17.65
N ASP C 108 -13.66 -15.87 18.28
CA ASP C 108 -12.82 -16.90 17.65
C ASP C 108 -12.09 -16.46 16.35
N CYS C 109 -11.78 -15.16 16.13
CA CYS C 109 -10.95 -14.56 14.97
C CYS C 109 -9.56 -15.12 14.94
N GLY C 110 -9.16 -15.83 13.89
CA GLY C 110 -7.80 -16.36 13.82
C GLY C 110 -6.69 -15.30 13.87
N GLY C 111 -6.93 -14.17 13.22
CA GLY C 111 -5.96 -13.10 13.20
C GLY C 111 -5.69 -12.62 14.59
N ILE C 112 -6.76 -12.47 15.37
CA ILE C 112 -6.68 -12.03 16.76
C ILE C 112 -5.94 -13.03 17.66
N TRP C 113 -6.27 -14.30 17.51
CA TRP C 113 -5.57 -15.31 18.28
C TRP C 113 -4.12 -15.45 17.97
N ALA C 114 -3.79 -15.31 16.71
CA ALA C 114 -2.42 -15.36 16.26
C ALA C 114 -1.62 -14.19 16.84
N SER C 115 -2.26 -13.02 16.85
CA SER C 115 -1.72 -11.81 17.40
C SER C 115 -1.43 -11.99 18.87
N LEU C 116 -2.11 -12.93 19.52
CA LEU C 116 -1.81 -13.28 20.93
C LEU C 116 -0.72 -14.33 21.21
N SER C 117 -0.16 -14.92 20.18
CA SER C 117 0.81 -16.01 20.28
C SER C 117 2.26 -15.59 20.00
N LYS C 118 3.16 -16.53 20.24
CA LYS C 118 4.58 -16.33 19.98
C LYS C 118 4.92 -16.82 18.57
N LYS C 119 4.38 -17.99 18.21
CA LYS C 119 4.71 -18.71 16.95
C LYS C 119 4.53 -17.85 15.70
N LYS C 120 5.64 -17.52 15.02
CA LYS C 120 5.61 -16.79 13.73
C LYS C 120 4.69 -17.56 12.77
N ILE C 121 3.80 -16.81 12.12
CA ILE C 121 2.79 -17.43 11.26
C ILE C 121 3.41 -17.75 9.90
N GLY C 122 4.22 -16.83 9.39
CA GLY C 122 4.85 -17.04 8.12
C GLY C 122 4.18 -16.33 6.97
N GLY C 123 4.93 -16.18 5.88
CA GLY C 123 4.50 -15.51 4.66
C GLY C 123 4.07 -14.08 4.88
N VAL C 124 3.11 -13.71 4.06
CA VAL C 124 2.54 -12.37 4.06
C VAL C 124 1.69 -12.07 5.32
N LEU C 125 1.29 -13.10 6.05
CA LEU C 125 0.29 -12.94 7.12
C LEU C 125 0.82 -12.25 8.34
N ASP C 126 2.00 -12.66 8.74
CA ASP C 126 2.62 -12.03 9.91
C ASP C 126 2.77 -10.50 9.73
N LEU C 127 3.00 -10.09 8.50
CA LEU C 127 3.11 -8.67 8.20
C LEU C 127 1.76 -8.02 8.18
N TRP C 128 0.81 -8.74 7.58
CA TRP C 128 -0.58 -8.27 7.52
C TRP C 128 -1.08 -7.95 8.91
N LEU C 129 -0.84 -8.89 9.84
CA LEU C 129 -1.33 -8.78 11.22
C LEU C 129 -0.61 -7.79 12.16
N ASN C 130 0.52 -7.25 11.70
CA ASN C 130 1.30 -6.31 12.55
C ASN C 130 0.44 -5.22 13.19
N PRO C 131 -0.47 -4.58 12.42
CA PRO C 131 -1.38 -3.64 13.06
C PRO C 131 -2.08 -4.13 14.31
N VAL C 132 -2.42 -5.42 14.34
CA VAL C 132 -3.12 -5.97 15.53
C VAL C 132 -2.10 -6.15 16.65
N ARG C 133 -0.96 -6.71 16.29
CA ARG C 133 0.15 -6.90 17.24
C ARG C 133 0.49 -5.62 18.01
N HIS C 134 0.42 -4.50 17.29
CA HIS C 134 0.66 -3.17 17.85
C HIS C 134 -0.39 -2.77 18.85
N ILE C 135 -1.63 -3.18 18.59
CA ILE C 135 -2.78 -2.88 19.48
C ILE C 135 -2.73 -3.64 20.80
N ARG C 136 -2.32 -4.90 20.72
CA ARG C 136 -2.02 -5.68 21.93
C ARG C 136 -0.95 -5.01 22.83
N ALA C 137 0.18 -4.62 22.20
CA ALA C 137 1.27 -3.92 22.89
C ALA C 137 0.82 -2.56 23.43
N ALA C 138 0.07 -1.82 22.64
CA ALA C 138 -0.45 -0.50 23.04
C ALA C 138 -1.54 -0.52 24.13
N ASN C 139 -1.90 -1.71 24.62
CA ASN C 139 -2.97 -1.81 25.63
C ASN C 139 -2.62 -2.66 26.84
N LEU C 140 -1.51 -2.30 27.48
CA LEU C 140 -1.23 -2.67 28.87
C LEU C 140 -1.22 -4.21 29.02
N LYS C 141 -1.66 -4.67 30.18
CA LYS C 141 -2.06 -6.03 30.42
C LYS C 141 -3.52 -5.96 30.75
N LEU C 142 -4.12 -4.89 30.24
CA LEU C 142 -5.56 -4.72 30.19
C LEU C 142 -6.06 -5.92 29.45
N LEU C 143 -5.33 -6.35 28.43
CA LEU C 143 -5.56 -7.65 27.74
C LEU C 143 -5.68 -8.83 28.69
N GLU C 144 -4.79 -8.89 29.67
CA GLU C 144 -4.88 -10.00 30.59
C GLU C 144 -4.91 -9.55 32.05
N GLU C 145 -6.00 -8.83 32.38
CA GLU C 145 -6.73 -8.95 33.65
C GLU C 145 -7.66 -10.16 33.46
N TYR C 146 -7.24 -11.01 32.51
CA TYR C 146 -8.06 -12.00 31.82
C TYR C 146 -7.25 -13.25 31.47
N ASN C 147 -5.99 -13.31 31.85
CA ASN C 147 -5.15 -14.46 31.48
C ASN C 147 -5.48 -15.68 32.33
N GLN C 148 -6.41 -15.46 33.26
CA GLN C 148 -7.28 -16.51 33.82
C GLN C 148 -8.16 -17.23 32.75
N ASP C 149 -8.63 -16.49 31.74
CA ASP C 149 -9.38 -17.06 30.59
C ASP C 149 -8.86 -16.58 29.21
N PRO C 150 -8.43 -17.49 28.35
CA PRO C 150 -8.00 -17.08 27.02
C PRO C 150 -9.06 -16.34 26.20
N LYS C 151 -10.27 -16.86 26.28
CA LYS C 151 -11.36 -16.45 25.39
C LYS C 151 -11.75 -14.99 25.61
N LEU C 152 -11.76 -14.53 26.84
CA LEU C 152 -12.08 -13.13 27.12
C LEU C 152 -11.01 -12.16 26.64
N LYS C 153 -9.75 -12.59 26.72
CA LYS C 153 -8.64 -11.77 26.23
C LYS C 153 -8.84 -11.59 24.76
N ALA C 154 -9.13 -12.71 24.09
CA ALA C 154 -9.36 -12.66 22.65
C ALA C 154 -10.50 -11.70 22.32
N LYS C 155 -11.57 -11.75 23.08
CA LYS C 155 -12.73 -10.90 22.77
C LYS C 155 -12.44 -9.42 22.94
N LYS C 156 -11.78 -9.08 24.04
CA LYS C 156 -11.37 -7.68 24.24
C LYS C 156 -10.39 -7.18 23.17
N LEU C 157 -9.47 -8.05 22.78
CA LEU C 157 -8.54 -7.69 21.73
C LEU C 157 -9.30 -7.43 20.44
N ALA C 158 -10.28 -8.29 20.18
CA ALA C 158 -11.08 -8.20 18.97
C ALA C 158 -11.86 -6.91 18.95
N GLU C 159 -12.34 -6.51 20.11
CA GLU C 159 -13.07 -5.26 20.23
C GLU C 159 -12.17 -4.06 20.10
N LEU C 160 -10.98 -4.16 20.69
CA LEU C 160 -9.97 -3.10 20.53
C LEU C 160 -9.61 -2.97 19.05
N ASN C 161 -9.36 -4.12 18.41
CA ASN C 161 -9.17 -4.11 16.96
C ASN C 161 -10.32 -3.47 16.15
N VAL C 162 -11.58 -3.70 16.56
CA VAL C 162 -12.69 -3.04 15.93
C VAL C 162 -12.61 -1.53 16.11
N ILE C 163 -12.34 -1.14 17.34
CA ILE C 163 -12.17 0.27 17.66
C ILE C 163 -11.01 0.84 16.84
N SER C 164 -9.93 0.08 16.73
CA SER C 164 -8.80 0.50 15.89
C SER C 164 -9.28 0.80 14.49
N SER C 165 -10.03 -0.14 13.90
CA SER C 165 -10.42 0.01 12.51
C SER C 165 -11.38 1.18 12.34
N VAL C 166 -12.24 1.36 13.33
CA VAL C 166 -13.27 2.42 13.27
C VAL C 166 -12.64 3.80 13.25
N THR C 167 -11.75 4.02 14.20
CA THR C 167 -10.98 5.30 14.28
C THR C 167 -10.25 5.62 12.95
N ALA C 168 -9.53 4.63 12.43
CA ALA C 168 -8.85 4.73 11.13
C ALA C 168 -9.85 5.08 10.03
N LEU C 169 -10.98 4.38 10.05
CA LEU C 169 -11.99 4.61 9.06
C LEU C 169 -12.45 6.08 9.12
N LYS C 170 -12.66 6.56 10.34
CA LYS C 170 -13.11 7.94 10.57
C LYS C 170 -12.09 9.02 10.13
N ARG C 171 -10.80 8.72 10.26
CA ARG C 171 -9.75 9.65 9.79
C ARG C 171 -9.57 9.65 8.27
N HIS C 172 -10.23 8.75 7.57
CA HIS C 172 -10.26 8.82 6.11
C HIS C 172 -10.90 10.15 5.63
N PRO C 173 -10.24 10.83 4.70
CA PRO C 173 -10.69 12.06 4.04
C PRO C 173 -12.19 12.21 3.75
N SER C 174 -12.76 11.22 3.05
CA SER C 174 -14.21 11.19 2.71
C SER C 174 -15.10 11.08 3.96
N ALA C 175 -14.65 10.22 4.87
CA ALA C 175 -15.31 9.94 6.14
C ALA C 175 -15.35 11.13 7.05
N SER C 176 -14.20 11.79 7.25
CA SER C 176 -14.11 12.95 8.17
C SER C 176 -15.01 14.11 7.72
N VAL C 177 -15.04 14.34 6.41
CA VAL C 177 -15.92 15.35 5.80
C VAL C 177 -17.41 14.96 5.93
N ALA C 178 -17.73 13.71 5.63
CA ALA C 178 -19.11 13.18 5.77
C ALA C 178 -19.65 13.25 7.21
N LEU C 179 -18.87 12.71 8.15
CA LEU C 179 -19.17 12.81 9.59
C LEU C 179 -19.32 14.24 10.14
N LYS C 180 -18.58 15.18 9.58
CA LYS C 180 -18.65 16.58 10.05
C LYS C 180 -19.94 17.22 9.55
N LYS C 181 -20.38 16.81 8.37
CA LYS C 181 -21.64 17.28 7.79
C LYS C 181 -22.85 16.51 8.38
N ASN C 182 -22.57 15.61 9.34
CA ASN C 182 -23.55 14.71 9.92
C ASN C 182 -24.37 14.01 8.83
N GLU C 183 -23.71 13.49 7.81
CA GLU C 183 -24.37 12.86 6.65
C GLU C 183 -24.12 11.38 6.67
N ILE C 184 -23.43 10.92 7.71
CA ILE C 184 -23.14 9.49 7.84
C ILE C 184 -22.97 9.13 9.31
N GLU C 185 -23.23 7.89 9.62
CA GLU C 185 -23.06 7.38 10.97
C GLU C 185 -22.19 6.16 10.93
N VAL C 186 -21.47 5.91 12.01
CA VAL C 186 -20.50 4.84 12.02
C VAL C 186 -20.63 3.96 13.24
N TRP C 187 -20.58 2.67 13.00
CA TRP C 187 -20.80 1.68 14.07
C TRP C 187 -19.69 0.67 14.07
N GLY C 188 -19.28 0.28 15.26
CA GLY C 188 -18.43 -0.88 15.43
C GLY C 188 -19.25 -1.98 16.07
N MET C 189 -19.05 -3.21 15.63
CA MET C 189 -19.85 -4.33 16.15
C MET C 189 -19.04 -5.60 16.33
N LEU C 190 -19.57 -6.51 17.14
CA LEU C 190 -18.97 -7.83 17.30
C LEU C 190 -20.01 -8.92 16.97
N TYR C 191 -19.62 -9.91 16.19
CA TYR C 191 -20.42 -11.06 15.91
C TYR C 191 -19.93 -12.17 16.81
N ASP C 192 -20.83 -12.70 17.63
CA ASP C 192 -20.56 -13.89 18.44
C ASP C 192 -20.77 -15.16 17.61
N VAL C 193 -19.68 -15.84 17.27
CA VAL C 193 -19.77 -16.95 16.30
C VAL C 193 -20.62 -18.18 16.83
N ALA C 194 -20.78 -18.22 18.15
CA ALA C 194 -21.37 -19.32 18.85
C ALA C 194 -22.92 -19.20 18.94
N THR C 195 -23.42 -17.97 18.78
CA THR C 195 -24.78 -17.57 18.96
C THR C 195 -25.47 -16.94 17.75
N GLY C 196 -24.69 -16.44 16.82
CA GLY C 196 -25.21 -15.76 15.62
C GLY C 196 -25.65 -14.35 15.93
N TYR C 197 -25.44 -13.96 17.17
CA TYR C 197 -25.79 -12.59 17.61
C TYR C 197 -24.67 -11.49 17.41
N LEU C 198 -25.11 -10.42 16.78
CA LEU C 198 -24.43 -9.22 16.60
C LEU C 198 -24.63 -8.35 17.87
N SER C 199 -23.59 -7.61 18.26
CA SER C 199 -23.69 -6.60 19.32
C SER C 199 -22.84 -5.33 19.04
N GLN C 200 -23.20 -4.22 19.67
CA GLN C 200 -22.50 -2.99 19.45
C GLN C 200 -21.31 -2.90 20.38
N VAL C 201 -20.23 -2.31 19.83
CA VAL C 201 -19.00 -1.89 20.56
C VAL C 201 -19.08 -0.38 20.77
N GLU C 202 -18.95 0.07 22.01
CA GLU C 202 -18.88 1.53 22.33
C GLU C 202 -17.53 2.11 21.85
N ILE C 203 -17.61 3.17 21.03
CA ILE C 203 -16.43 3.80 20.41
C ILE C 203 -16.06 5.11 21.16
N PRO C 204 -14.82 5.20 21.67
CA PRO C 204 -14.37 6.39 22.42
C PRO C 204 -14.01 7.58 21.52
N PHE D 2 -37.25 0.78 0.33
CA PHE D 2 -38.06 0.30 -0.81
C PHE D 2 -38.70 -1.04 -0.46
N PRO D 3 -38.58 -2.06 -1.35
CA PRO D 3 -38.76 -3.48 -1.09
C PRO D 3 -37.61 -4.22 -0.39
N PHE D 4 -36.65 -3.47 0.16
CA PHE D 4 -35.52 -4.06 0.83
C PHE D 4 -35.87 -4.19 2.31
N THR D 5 -35.21 -5.09 3.02
CA THR D 5 -35.47 -5.29 4.43
C THR D 5 -35.18 -4.11 5.32
N LEU D 6 -34.13 -3.29 4.89
CA LEU D 6 -33.60 -2.12 5.63
C LEU D 6 -33.53 -0.88 4.77
N SER D 7 -33.34 0.26 5.43
CA SER D 7 -33.16 1.54 4.71
C SER D 7 -32.10 2.52 5.33
N SER D 8 -31.94 3.66 4.66
CA SER D 8 -31.14 4.79 5.18
C SER D 8 -31.59 5.27 6.55
N GLU D 9 -32.93 5.34 6.69
CA GLU D 9 -33.62 5.79 7.91
C GLU D 9 -33.59 4.74 9.02
N SER D 10 -33.30 3.49 8.67
CA SER D 10 -33.39 2.34 9.59
C SER D 10 -32.50 2.58 10.79
N THR D 11 -32.87 2.03 11.92
CA THR D 11 -32.21 2.32 13.18
C THR D 11 -31.25 1.17 13.52
N LEU D 12 -30.48 1.36 14.58
CA LEU D 12 -29.62 0.30 15.10
C LEU D 12 -30.46 -0.90 15.53
N GLN D 13 -31.54 -0.63 16.25
CA GLN D 13 -32.45 -1.71 16.66
C GLN D 13 -33.06 -2.47 15.47
N ASP D 14 -33.49 -1.74 14.45
CA ASP D 14 -33.89 -2.32 13.17
C ASP D 14 -32.84 -3.26 12.59
N PHE D 15 -31.55 -2.88 12.69
CA PHE D 15 -30.49 -3.78 12.25
C PHE D 15 -30.43 -5.05 13.13
N LEU D 16 -30.49 -4.85 14.43
CA LEU D 16 -30.43 -5.98 15.38
C LEU D 16 -31.69 -6.91 15.30
N ASN D 17 -32.81 -6.31 14.90
CA ASN D 17 -34.00 -7.06 14.58
C ASN D 17 -33.77 -7.96 13.38
N ASN D 18 -33.13 -7.44 12.32
CA ASN D 18 -32.77 -8.27 11.15
C ASN D 18 -31.84 -9.41 11.53
N ASN D 19 -31.08 -9.19 12.57
CA ASN D 19 -30.05 -10.16 12.95
C ASN D 19 -30.65 -11.21 13.79
N LYS D 20 -31.52 -10.79 14.71
CA LYS D 20 -32.44 -11.76 15.47
C LYS D 20 -33.31 -12.66 14.52
N PHE D 21 -33.81 -12.10 13.45
CA PHE D 21 -34.40 -12.94 12.47
C PHE D 21 -33.42 -13.97 11.85
N PHE D 22 -32.20 -13.57 11.54
CA PHE D 22 -31.22 -14.50 10.94
C PHE D 22 -30.91 -15.71 11.85
N VAL D 23 -30.73 -15.42 13.12
CA VAL D 23 -30.55 -16.46 14.11
C VAL D 23 -31.83 -17.37 14.19
N ASP D 24 -32.99 -16.74 14.25
CA ASP D 24 -34.25 -17.50 14.47
C ASP D 24 -34.48 -18.43 13.29
N SER D 25 -34.27 -17.92 12.09
CA SER D 25 -34.38 -18.72 10.90
C SER D 25 -33.44 -19.92 10.93
N ILE D 26 -32.15 -19.69 11.27
CA ILE D 26 -31.20 -20.80 11.26
C ILE D 26 -31.62 -21.85 12.32
N LYS D 27 -32.03 -21.36 13.46
CA LYS D 27 -32.38 -22.18 14.55
C LYS D 27 -33.64 -23.02 14.21
N HIS D 28 -34.58 -22.36 13.55
CA HIS D 28 -35.77 -22.98 13.13
C HIS D 28 -35.52 -24.13 12.21
N ASN D 29 -34.58 -24.00 11.30
CA ASN D 29 -34.29 -25.10 10.36
C ASN D 29 -33.29 -26.12 10.82
N HIS D 30 -32.53 -25.84 11.87
CA HIS D 30 -31.33 -26.66 12.20
C HIS D 30 -31.05 -26.84 13.67
N GLY D 31 -31.84 -26.17 14.45
CA GLY D 31 -31.66 -26.12 15.89
C GLY D 31 -30.47 -25.25 16.26
N ASN D 32 -29.82 -25.60 17.37
CA ASN D 32 -28.57 -24.98 17.80
C ASN D 32 -27.35 -25.62 17.17
N GLN D 33 -27.54 -26.64 16.35
CA GLN D 33 -26.48 -27.49 15.85
C GLN D 33 -25.46 -26.74 14.97
N ILE D 34 -25.96 -25.80 14.20
CA ILE D 34 -25.12 -25.08 13.27
C ILE D 34 -24.25 -24.02 14.02
N PHE D 35 -24.80 -23.35 15.02
CA PHE D 35 -24.05 -22.44 15.84
C PHE D 35 -23.16 -23.17 16.82
N ASP D 36 -23.51 -24.39 17.14
CA ASP D 36 -22.67 -25.21 18.00
C ASP D 36 -21.40 -25.53 17.28
N LEU D 37 -21.54 -25.85 15.98
CA LEU D 37 -20.39 -26.11 15.10
C LEU D 37 -19.50 -24.85 14.84
N ASN D 38 -20.18 -23.75 14.54
CA ASN D 38 -19.63 -22.48 14.26
C ASN D 38 -18.77 -22.10 15.43
N GLY D 39 -19.33 -22.28 16.61
CA GLY D 39 -18.74 -21.87 17.87
C GLY D 39 -17.54 -22.67 18.33
N GLN D 40 -17.28 -23.82 17.72
CA GLN D 40 -16.08 -24.61 18.03
C GLN D 40 -14.87 -24.29 17.08
N GLY D 41 -15.15 -24.21 15.79
CA GLY D 41 -14.18 -23.94 14.76
C GLY D 41 -14.82 -23.60 13.44
N GLN D 42 -13.99 -23.24 12.46
CA GLN D 42 -14.42 -23.14 11.08
C GLN D 42 -13.66 -24.11 10.19
N SER D 43 -14.39 -24.72 9.27
CA SER D 43 -13.83 -25.64 8.29
C SER D 43 -14.49 -25.45 6.92
N PRO D 44 -14.46 -24.19 6.39
CA PRO D 44 -15.10 -23.92 5.11
C PRO D 44 -14.45 -24.66 3.95
N HIS D 45 -15.25 -24.94 2.93
CA HIS D 45 -14.77 -25.75 1.78
C HIS D 45 -14.34 -24.93 0.58
N THR D 46 -14.64 -23.65 0.62
CA THR D 46 -14.56 -22.79 -0.53
C THR D 46 -14.06 -21.43 -0.12
N LEU D 47 -13.18 -20.88 -0.99
CA LEU D 47 -12.81 -19.47 -0.94
C LEU D 47 -13.48 -18.74 -2.09
N TRP D 48 -14.20 -17.67 -1.75
CA TRP D 48 -14.90 -16.84 -2.72
C TRP D 48 -14.19 -15.51 -2.78
N ILE D 49 -13.77 -15.14 -3.99
CA ILE D 49 -13.20 -13.85 -4.20
C ILE D 49 -14.08 -13.15 -5.23
N GLY D 50 -14.68 -12.04 -4.81
CA GLY D 50 -15.65 -11.32 -5.65
C GLY D 50 -15.65 -9.82 -5.37
N CYS D 51 -16.43 -9.09 -6.18
CA CYS D 51 -16.55 -7.64 -6.07
C CYS D 51 -17.23 -7.23 -4.82
N SER D 52 -16.98 -5.99 -4.42
CA SER D 52 -17.57 -5.43 -3.17
C SER D 52 -19.09 -5.15 -3.31
N ASP D 53 -19.52 -5.02 -4.58
CA ASP D 53 -20.85 -4.64 -5.02
C ASP D 53 -21.99 -5.32 -4.16
N SER D 54 -22.96 -4.51 -3.78
CA SER D 54 -24.07 -4.97 -2.88
C SER D 54 -24.93 -6.09 -3.51
N ARG D 55 -25.06 -6.08 -4.81
CA ARG D 55 -25.89 -7.05 -5.56
C ARG D 55 -25.19 -8.32 -5.94
N ALA D 56 -23.85 -8.27 -6.09
CA ALA D 56 -23.05 -9.50 -6.28
C ALA D 56 -22.79 -9.91 -4.89
N GLY D 57 -21.93 -10.84 -4.70
CA GLY D 57 -21.83 -11.29 -3.26
C GLY D 57 -22.28 -12.72 -3.04
N ASP D 58 -21.58 -13.38 -2.12
CA ASP D 58 -21.57 -14.83 -2.00
C ASP D 58 -22.93 -15.36 -1.57
N GLN D 59 -23.77 -14.45 -1.12
CA GLN D 59 -25.21 -14.68 -0.86
C GLN D 59 -25.83 -15.53 -1.99
N CYS D 60 -25.41 -15.25 -3.23
CA CYS D 60 -26.05 -15.88 -4.38
C CYS D 60 -25.91 -17.43 -4.35
N LEU D 61 -25.15 -17.94 -3.37
CA LEU D 61 -24.88 -19.36 -3.32
C LEU D 61 -25.67 -19.98 -2.17
N ALA D 62 -26.42 -19.13 -1.45
CA ALA D 62 -27.25 -19.52 -0.39
C ALA D 62 -26.66 -20.59 0.54
N THR D 63 -25.45 -20.33 1.01
CA THR D 63 -24.80 -21.28 1.93
C THR D 63 -25.06 -20.87 3.38
N LEU D 64 -24.82 -21.80 4.30
CA LEU D 64 -24.87 -21.49 5.71
C LEU D 64 -23.49 -20.95 6.23
N PRO D 65 -23.49 -20.23 7.36
CA PRO D 65 -22.27 -19.84 8.00
C PRO D 65 -21.35 -21.01 8.30
N GLY D 66 -20.12 -20.93 7.75
CA GLY D 66 -19.04 -21.89 8.01
C GLY D 66 -18.76 -22.71 6.79
N GLU D 67 -19.26 -22.25 5.64
CA GLU D 67 -19.05 -22.96 4.37
C GLU D 67 -18.05 -22.28 3.38
N ILE D 68 -18.13 -20.97 3.33
CA ILE D 68 -17.36 -20.20 2.37
C ILE D 68 -16.53 -19.12 3.06
N PHE D 69 -15.22 -19.19 2.87
CA PHE D 69 -14.26 -18.09 3.21
C PHE D 69 -14.36 -16.99 2.17
N VAL D 70 -14.59 -15.74 2.60
CA VAL D 70 -14.84 -14.67 1.64
C VAL D 70 -13.82 -13.53 1.64
N HIS D 71 -13.39 -13.12 0.45
CA HIS D 71 -12.67 -11.89 0.28
C HIS D 71 -13.46 -11.13 -0.79
N ARG D 72 -13.77 -9.85 -0.49
CA ARG D 72 -14.42 -9.01 -1.50
C ARG D 72 -13.74 -7.64 -1.63
N ASN D 73 -13.52 -7.19 -2.87
CA ASN D 73 -12.93 -5.88 -3.15
C ASN D 73 -13.41 -5.32 -4.46
N ILE D 74 -13.12 -4.05 -4.69
CA ILE D 74 -13.60 -3.39 -5.89
C ILE D 74 -13.06 -4.07 -7.14
N ALA D 75 -13.93 -4.66 -7.86
CA ALA D 75 -13.75 -5.32 -9.14
C ALA D 75 -12.99 -6.62 -9.04
N ASN D 76 -13.14 -7.30 -7.88
CA ASN D 76 -12.64 -8.67 -7.68
C ASN D 76 -11.29 -8.91 -8.33
N ILE D 77 -10.37 -8.04 -7.94
CA ILE D 77 -8.97 -8.03 -8.44
C ILE D 77 -8.07 -8.80 -7.51
N VAL D 78 -7.43 -9.83 -8.06
CA VAL D 78 -6.36 -10.56 -7.37
C VAL D 78 -4.98 -10.11 -7.93
N ASN D 79 -4.34 -9.19 -7.24
CA ASN D 79 -2.97 -8.73 -7.65
C ASN D 79 -1.91 -9.25 -6.68
N ALA D 80 -0.75 -9.66 -7.24
CA ALA D 80 0.41 -10.19 -6.44
C ALA D 80 0.98 -9.25 -5.43
N ASN D 81 0.84 -7.95 -5.70
CA ASN D 81 1.35 -6.94 -4.70
C ASN D 81 0.29 -6.47 -3.66
N ASP D 82 -0.91 -6.94 -3.80
CA ASP D 82 -2.00 -6.55 -2.85
C ASP D 82 -2.01 -7.56 -1.68
N ILE D 83 -1.61 -7.08 -0.53
CA ILE D 83 -1.27 -7.95 0.56
C ILE D 83 -2.60 -8.43 1.16
N SER D 84 -3.67 -7.65 0.96
CA SER D 84 -5.02 -8.05 1.43
C SER D 84 -5.44 -9.38 0.79
N SER D 85 -5.48 -9.42 -0.56
CA SER D 85 -5.76 -10.69 -1.33
C SER D 85 -4.84 -11.82 -0.87
N GLN D 86 -3.54 -11.52 -0.83
CA GLN D 86 -2.53 -12.57 -0.70
C GLN D 86 -2.57 -13.28 0.64
N GLY D 87 -2.78 -12.53 1.72
CA GLY D 87 -3.04 -13.15 3.03
C GLY D 87 -4.27 -14.12 2.98
N VAL D 88 -5.39 -13.60 2.50
CA VAL D 88 -6.65 -14.41 2.46
C VAL D 88 -6.42 -15.72 1.72
N ILE D 89 -5.86 -15.64 0.52
CA ILE D 89 -5.46 -16.85 -0.28
C ILE D 89 -4.45 -17.69 0.47
N GLN D 90 -3.47 -17.05 1.07
CA GLN D 90 -2.49 -17.79 1.85
C GLN D 90 -3.24 -18.58 2.91
N PHE D 91 -3.94 -17.87 3.77
CA PHE D 91 -4.65 -18.50 4.91
C PHE D 91 -5.65 -19.57 4.49
N ALA D 92 -6.37 -19.31 3.41
CA ALA D 92 -7.41 -20.22 2.90
C ALA D 92 -6.86 -21.55 2.48
N ILE D 93 -5.69 -21.52 1.83
CA ILE D 93 -5.15 -22.75 1.28
C ILE D 93 -4.30 -23.40 2.33
N ASP D 94 -3.49 -22.59 2.99
CA ASP D 94 -2.47 -23.07 3.92
C ASP D 94 -3.03 -23.51 5.27
N VAL D 95 -4.06 -22.81 5.74
CA VAL D 95 -4.59 -23.14 7.06
C VAL D 95 -5.95 -23.89 7.02
N LEU D 96 -6.92 -23.33 6.30
CA LEU D 96 -8.27 -23.89 6.19
C LEU D 96 -8.36 -25.03 5.20
N LYS D 97 -7.42 -25.14 4.29
CA LYS D 97 -7.39 -26.24 3.34
C LYS D 97 -8.63 -26.26 2.47
N VAL D 98 -9.16 -25.12 2.08
CA VAL D 98 -10.31 -25.07 1.19
C VAL D 98 -10.04 -25.89 -0.05
N LYS D 99 -11.07 -26.48 -0.64
CA LYS D 99 -10.85 -27.38 -1.78
C LYS D 99 -11.31 -26.74 -3.06
N LYS D 100 -11.99 -25.61 -2.93
CA LYS D 100 -12.45 -24.86 -4.09
C LYS D 100 -12.18 -23.38 -3.91
N ILE D 101 -11.82 -22.76 -5.00
CA ILE D 101 -11.69 -21.32 -5.01
C ILE D 101 -12.49 -20.79 -6.17
N ILE D 102 -13.35 -19.84 -5.86
CA ILE D 102 -14.15 -19.20 -6.90
C ILE D 102 -13.75 -17.79 -7.02
N VAL D 103 -13.48 -17.37 -8.25
CA VAL D 103 -13.23 -15.97 -8.49
C VAL D 103 -14.45 -15.53 -9.26
N CYS D 104 -15.22 -14.65 -8.64
CA CYS D 104 -16.42 -14.23 -9.25
C CYS D 104 -16.53 -12.79 -9.55
N GLY D 105 -16.71 -12.49 -10.82
CA GLY D 105 -16.99 -11.11 -11.25
C GLY D 105 -18.45 -11.01 -11.54
N HIS D 106 -18.90 -9.84 -11.97
CA HIS D 106 -20.28 -9.64 -12.18
C HIS D 106 -20.56 -8.60 -13.22
N THR D 107 -21.77 -8.60 -13.78
CA THR D 107 -22.21 -7.58 -14.73
C THR D 107 -22.47 -6.25 -14.01
N ASP D 108 -22.65 -5.20 -14.76
CA ASP D 108 -22.73 -3.82 -14.22
C ASP D 108 -21.68 -3.50 -13.12
N CYS D 109 -20.43 -3.97 -13.29
CA CYS D 109 -19.34 -3.67 -12.31
C CYS D 109 -18.77 -2.26 -12.50
N GLY D 110 -18.78 -1.47 -11.43
CA GLY D 110 -18.41 -0.06 -11.49
C GLY D 110 -16.93 0.15 -11.93
N GLY D 111 -16.04 -0.63 -11.32
CA GLY D 111 -14.67 -0.75 -11.71
C GLY D 111 -14.44 -1.10 -13.18
N ILE D 112 -15.23 -2.03 -13.69
CA ILE D 112 -15.18 -2.45 -15.12
C ILE D 112 -15.60 -1.32 -16.05
N TRP D 113 -16.71 -0.65 -15.70
CA TRP D 113 -17.21 0.47 -16.54
C TRP D 113 -16.31 1.72 -16.54
N ALA D 114 -15.73 2.00 -15.39
CA ALA D 114 -14.83 3.12 -15.22
C ALA D 114 -13.54 2.91 -16.06
N SER D 115 -12.98 1.71 -15.93
CA SER D 115 -11.87 1.24 -16.73
C SER D 115 -12.11 1.28 -18.25
N LEU D 116 -13.33 1.45 -18.70
CA LEU D 116 -13.60 1.54 -20.15
C LEU D 116 -13.57 2.98 -20.71
N SER D 117 -13.76 3.98 -19.83
CA SER D 117 -14.08 5.36 -20.27
C SER D 117 -13.07 6.43 -19.83
N LYS D 118 -11.97 5.99 -19.23
CA LYS D 118 -10.76 6.79 -19.16
C LYS D 118 -10.91 8.27 -18.66
N LYS D 119 -11.82 8.52 -17.70
CA LYS D 119 -11.86 9.80 -16.98
C LYS D 119 -11.38 9.51 -15.55
N LYS D 120 -10.29 10.13 -15.15
CA LYS D 120 -9.63 9.80 -13.87
C LYS D 120 -10.64 9.92 -12.73
N ILE D 121 -10.82 8.80 -12.01
CA ILE D 121 -11.78 8.68 -10.91
C ILE D 121 -11.33 9.49 -9.69
N GLY D 122 -10.02 9.55 -9.48
CA GLY D 122 -9.48 10.27 -8.36
C GLY D 122 -9.34 9.40 -7.11
N GLY D 123 -8.88 10.04 -6.04
CA GLY D 123 -8.43 9.33 -4.82
C GLY D 123 -7.43 8.25 -5.20
N VAL D 124 -7.61 7.12 -4.59
CA VAL D 124 -6.78 5.96 -4.82
C VAL D 124 -7.35 5.02 -5.89
N LEU D 125 -8.51 5.35 -6.46
CA LEU D 125 -9.23 4.38 -7.28
C LEU D 125 -8.58 4.15 -8.60
N ASP D 126 -8.01 5.19 -9.16
CA ASP D 126 -7.24 5.09 -10.41
C ASP D 126 -6.06 4.12 -10.29
N LEU D 127 -5.37 4.19 -9.17
CA LEU D 127 -4.29 3.23 -8.91
C LEU D 127 -4.76 1.81 -8.71
N TRP D 128 -5.83 1.70 -7.90
CA TRP D 128 -6.45 0.38 -7.60
C TRP D 128 -6.90 -0.33 -8.89
N LEU D 129 -7.54 0.44 -9.78
CA LEU D 129 -8.04 -0.09 -11.06
C LEU D 129 -7.06 -0.28 -12.19
N ASN D 130 -5.80 0.07 -11.95
CA ASN D 130 -4.80 0.01 -13.03
C ASN D 130 -4.79 -1.36 -13.71
N PRO D 131 -4.79 -2.44 -12.91
CA PRO D 131 -4.66 -3.71 -13.65
C PRO D 131 -5.82 -3.93 -14.62
N VAL D 132 -6.95 -3.30 -14.37
CA VAL D 132 -8.13 -3.54 -15.24
C VAL D 132 -7.90 -2.73 -16.49
N ARG D 133 -7.51 -1.52 -16.26
CA ARG D 133 -7.11 -0.61 -17.41
C ARG D 133 -6.03 -1.20 -18.31
N HIS D 134 -5.13 -1.96 -17.71
CA HIS D 134 -4.18 -2.79 -18.47
C HIS D 134 -4.81 -3.88 -19.28
N ILE D 135 -5.75 -4.62 -18.62
CA ILE D 135 -6.44 -5.74 -19.27
C ILE D 135 -7.22 -5.23 -20.49
N ARG D 136 -7.83 -4.04 -20.38
CA ARG D 136 -8.59 -3.49 -21.49
C ARG D 136 -7.67 -3.18 -22.67
N ALA D 137 -6.52 -2.56 -22.35
CA ALA D 137 -5.54 -2.14 -23.35
C ALA D 137 -4.97 -3.36 -24.05
N ALA D 138 -4.65 -4.39 -23.27
CA ALA D 138 -4.15 -5.67 -23.79
C ALA D 138 -5.13 -6.47 -24.64
N ASN D 139 -6.38 -6.05 -24.68
CA ASN D 139 -7.41 -6.85 -25.34
C ASN D 139 -8.26 -5.98 -26.22
N LEU D 140 -7.66 -4.92 -26.71
CA LEU D 140 -8.39 -3.89 -27.41
C LEU D 140 -9.14 -4.40 -28.64
N LYS D 141 -8.50 -5.25 -29.42
CA LYS D 141 -9.09 -5.73 -30.67
C LYS D 141 -10.32 -6.55 -30.39
N LEU D 142 -10.16 -7.40 -29.39
CA LEU D 142 -11.24 -8.27 -28.92
C LEU D 142 -12.40 -7.44 -28.40
N LEU D 143 -12.11 -6.42 -27.62
CA LEU D 143 -13.16 -5.60 -27.05
C LEU D 143 -13.85 -4.83 -28.14
N GLU D 144 -13.08 -4.42 -29.13
CA GLU D 144 -13.52 -3.61 -30.25
C GLU D 144 -14.62 -4.39 -30.96
N GLU D 145 -14.43 -5.70 -31.05
CA GLU D 145 -15.45 -6.53 -31.71
C GLU D 145 -16.85 -6.61 -30.98
N TYR D 146 -16.96 -6.06 -29.77
CA TYR D 146 -18.21 -5.84 -29.04
C TYR D 146 -18.49 -4.35 -28.93
N ASN D 147 -17.93 -3.59 -29.86
CA ASN D 147 -18.02 -2.15 -29.78
C ASN D 147 -19.46 -1.71 -29.98
N GLN D 148 -20.15 -2.45 -30.83
CA GLN D 148 -21.50 -2.11 -31.26
C GLN D 148 -22.58 -2.40 -30.19
N ASP D 149 -22.16 -2.65 -28.95
CA ASP D 149 -23.05 -2.75 -27.79
C ASP D 149 -22.27 -2.66 -26.47
N PRO D 150 -22.31 -1.50 -25.81
CA PRO D 150 -21.68 -1.22 -24.51
C PRO D 150 -21.74 -2.31 -23.47
N LYS D 151 -22.95 -2.77 -23.14
CA LYS D 151 -23.18 -3.75 -22.07
C LYS D 151 -22.43 -5.05 -22.32
N LEU D 152 -22.27 -5.41 -23.59
CA LEU D 152 -21.51 -6.61 -23.93
C LEU D 152 -19.99 -6.40 -23.86
N LYS D 153 -19.52 -5.21 -24.23
CA LYS D 153 -18.10 -4.90 -24.13
C LYS D 153 -17.70 -4.93 -22.65
N ALA D 154 -18.50 -4.25 -21.82
CA ALA D 154 -18.25 -4.26 -20.37
C ALA D 154 -18.29 -5.66 -19.81
N LYS D 155 -19.16 -6.49 -20.37
CA LYS D 155 -19.32 -7.85 -19.90
C LYS D 155 -18.09 -8.69 -20.29
N LYS D 156 -17.67 -8.52 -21.54
CA LYS D 156 -16.44 -9.21 -22.03
C LYS D 156 -15.23 -8.78 -21.20
N LEU D 157 -15.19 -7.50 -20.87
CA LEU D 157 -14.08 -7.04 -20.07
C LEU D 157 -14.18 -7.67 -18.69
N ALA D 158 -15.39 -7.71 -18.17
CA ALA D 158 -15.61 -8.24 -16.82
C ALA D 158 -15.09 -9.68 -16.75
N GLU D 159 -15.29 -10.40 -17.85
CA GLU D 159 -14.87 -11.80 -17.95
C GLU D 159 -13.36 -11.91 -18.03
N LEU D 160 -12.77 -11.05 -18.86
CA LEU D 160 -11.28 -10.95 -19.01
C LEU D 160 -10.60 -10.68 -17.65
N ASN D 161 -11.20 -9.76 -16.89
CA ASN D 161 -10.80 -9.53 -15.51
C ASN D 161 -10.88 -10.70 -14.56
N VAL D 162 -11.95 -11.49 -14.69
CA VAL D 162 -12.03 -12.73 -13.95
C VAL D 162 -10.90 -13.67 -14.31
N ILE D 163 -10.73 -13.88 -15.59
CA ILE D 163 -9.63 -14.74 -16.06
C ILE D 163 -8.25 -14.22 -15.55
N SER D 164 -8.08 -12.91 -15.65
CA SER D 164 -6.83 -12.29 -15.16
C SER D 164 -6.60 -12.62 -13.69
N SER D 165 -7.67 -12.51 -12.88
CA SER D 165 -7.52 -12.73 -11.45
C SER D 165 -7.27 -14.19 -11.13
N VAL D 166 -7.88 -15.08 -11.90
CA VAL D 166 -7.69 -16.54 -11.72
C VAL D 166 -6.23 -16.96 -12.02
N THR D 167 -5.69 -16.48 -13.12
CA THR D 167 -4.22 -16.70 -13.42
C THR D 167 -3.28 -16.24 -12.30
N ALA D 168 -3.53 -15.02 -11.83
CA ALA D 168 -2.76 -14.46 -10.70
C ALA D 168 -2.93 -15.28 -9.43
N LEU D 169 -4.15 -15.76 -9.25
CA LEU D 169 -4.42 -16.64 -8.11
C LEU D 169 -3.63 -17.94 -8.21
N LYS D 170 -3.62 -18.52 -9.41
CA LYS D 170 -2.94 -19.78 -9.64
C LYS D 170 -1.41 -19.64 -9.53
N ARG D 171 -0.93 -18.42 -9.78
CA ARG D 171 0.50 -18.16 -9.63
C ARG D 171 0.88 -17.89 -8.20
N HIS D 172 -0.08 -17.79 -7.29
CA HIS D 172 0.22 -17.62 -5.86
C HIS D 172 0.97 -18.87 -5.38
N PRO D 173 2.09 -18.68 -4.62
CA PRO D 173 2.94 -19.81 -4.16
C PRO D 173 2.16 -21.00 -3.53
N SER D 174 1.40 -20.76 -2.46
CA SER D 174 0.61 -21.86 -1.81
C SER D 174 -0.45 -22.49 -2.71
N ALA D 175 -1.06 -21.66 -3.56
CA ALA D 175 -1.98 -22.10 -4.62
C ALA D 175 -1.31 -23.01 -5.62
N SER D 176 -0.23 -22.52 -6.22
CA SER D 176 0.53 -23.22 -7.26
C SER D 176 1.00 -24.61 -6.83
N VAL D 177 1.48 -24.70 -5.61
CA VAL D 177 1.83 -25.98 -4.98
C VAL D 177 0.63 -26.96 -4.90
N ALA D 178 -0.41 -26.55 -4.15
CA ALA D 178 -1.60 -27.38 -3.91
C ALA D 178 -2.33 -27.67 -5.21
N LEU D 179 -2.22 -26.76 -6.17
CA LEU D 179 -2.85 -26.94 -7.46
C LEU D 179 -2.20 -28.07 -8.23
N LYS D 180 -0.87 -28.12 -8.22
CA LYS D 180 -0.17 -29.16 -8.95
C LYS D 180 -0.10 -30.48 -8.18
N LYS D 181 -0.30 -30.44 -6.86
CA LYS D 181 -0.51 -31.66 -6.06
C LYS D 181 -1.99 -32.13 -6.20
N ASN D 182 -2.75 -31.46 -7.07
CA ASN D 182 -4.18 -31.66 -7.29
C ASN D 182 -5.05 -31.68 -6.01
N GLU D 183 -4.68 -30.88 -5.01
CA GLU D 183 -5.41 -30.79 -3.75
C GLU D 183 -6.58 -29.81 -3.81
N ILE D 184 -6.69 -29.12 -4.94
CA ILE D 184 -7.53 -27.94 -5.01
C ILE D 184 -8.10 -27.74 -6.41
N GLU D 185 -9.20 -27.01 -6.46
CA GLU D 185 -9.92 -26.73 -7.70
C GLU D 185 -10.28 -25.27 -7.79
N VAL D 186 -10.18 -24.71 -8.99
CA VAL D 186 -10.33 -23.28 -9.18
C VAL D 186 -11.31 -22.96 -10.29
N TRP D 187 -12.19 -22.01 -10.02
CA TRP D 187 -13.23 -21.62 -10.95
C TRP D 187 -13.32 -20.14 -11.14
N GLY D 188 -13.50 -19.75 -12.38
CA GLY D 188 -13.89 -18.38 -12.69
C GLY D 188 -15.40 -18.37 -12.86
N MET D 189 -16.06 -17.34 -12.35
CA MET D 189 -17.50 -17.23 -12.56
C MET D 189 -17.93 -15.83 -12.87
N LEU D 190 -19.10 -15.74 -13.45
CA LEU D 190 -19.76 -14.47 -13.69
C LEU D 190 -21.23 -14.47 -13.09
N TYR D 191 -21.54 -13.43 -12.34
CA TYR D 191 -22.76 -13.19 -11.72
C TYR D 191 -23.52 -12.17 -12.54
N ASP D 192 -24.75 -12.56 -12.92
CA ASP D 192 -25.62 -11.72 -13.73
C ASP D 192 -26.52 -10.96 -12.79
N VAL D 193 -26.28 -9.67 -12.73
CA VAL D 193 -26.89 -8.80 -11.75
C VAL D 193 -28.43 -8.60 -11.94
N ALA D 194 -28.87 -8.71 -13.20
CA ALA D 194 -30.25 -8.46 -13.57
C ALA D 194 -31.17 -9.73 -13.42
N THR D 195 -30.55 -10.90 -13.28
CA THR D 195 -31.20 -12.19 -13.18
C THR D 195 -30.89 -13.01 -11.93
N GLY D 196 -29.76 -12.76 -11.30
CA GLY D 196 -29.36 -13.52 -10.11
C GLY D 196 -28.74 -14.86 -10.46
N TYR D 197 -28.57 -15.09 -11.75
CA TYR D 197 -27.87 -16.31 -12.16
C TYR D 197 -26.32 -16.16 -12.27
N LEU D 198 -25.68 -17.25 -11.94
CA LEU D 198 -24.27 -17.40 -11.83
C LEU D 198 -23.89 -18.33 -12.98
N SER D 199 -23.02 -17.90 -13.88
CA SER D 199 -22.48 -18.83 -14.89
C SER D 199 -20.94 -19.00 -14.84
N GLN D 200 -20.47 -20.15 -15.31
CA GLN D 200 -19.08 -20.40 -15.52
C GLN D 200 -18.75 -20.04 -16.95
N VAL D 201 -16.54 -18.87 -15.81
CA VAL D 201 -15.99 -18.35 -17.08
C VAL D 201 -15.13 -19.48 -17.66
N GLU D 202 -15.17 -19.59 -19.00
CA GLU D 202 -14.21 -20.44 -19.74
C GLU D 202 -12.72 -19.97 -19.54
N ILE D 203 -11.84 -20.89 -19.13
CA ILE D 203 -10.44 -20.57 -18.73
C ILE D 203 -9.39 -21.37 -19.51
ZN ZN E . 20.31 -0.93 -4.63
C2 BME F . 7.18 19.70 -1.31
S2 BME F . 8.30 19.17 0.01
C1 BME G . 20.78 -2.60 -0.63
C2 BME G . 20.44 -1.36 -1.39
O1 BME G . 22.18 -2.74 -0.74
S2 BME G . 21.37 -1.61 -2.89
C1 PEG H . 0.43 21.69 -2.61
O1 PEG H . 0.46 20.27 -2.35
C2 PEG H . 1.52 22.41 -1.80
O2 PEG H . 1.11 23.76 -1.50
C3 PEG H . 2.21 24.54 -0.97
C4 PEG H . 2.09 26.03 -1.34
O4 PEG H . 3.39 26.69 -1.44
C1 PEG I . 25.68 -9.24 -1.85
O1 PEG I . 26.62 -10.15 -2.45
C2 PEG I . 24.95 -9.87 -0.67
O2 PEG I . 23.91 -8.97 -0.29
C3 PEG I . 23.04 -9.45 0.75
C4 PEG I . 21.95 -8.37 0.98
O4 PEG I . 20.86 -8.81 1.83
ZN ZN J . 9.23 18.68 2.28
C1 PGE K . -1.83 24.91 -5.28
O1 PGE K . -3.26 25.12 -5.36
C2 PGE K . -1.07 26.25 -5.21
O2 PGE K . -0.59 26.52 -3.90
C3 PGE K . -0.79 27.89 -3.47
C4 PGE K . -1.00 27.93 -1.96
O4 PGE K . -0.93 23.98 0.30
C6 PGE K . -1.89 24.74 -0.49
C5 PGE K . -1.61 26.24 -0.35
O3 PGE K . -1.94 26.91 -1.57
ZN ZN L . -11.50 -13.64 11.74
S2 BME M . -10.25 -15.88 10.39
ZN ZN N . -18.33 -4.48 -9.19
S2 BME O . -18.94 -1.97 -8.00
#